data_1UWX
#
_entry.id   1UWX
#
_cell.length_a   81.426
_cell.length_b   110.568
_cell.length_c   138.734
_cell.angle_alpha   90.00
_cell.angle_beta   90.00
_cell.angle_gamma   90.00
#
_symmetry.space_group_name_H-M   'P 21 21 21'
#
loop_
_entity.id
_entity.type
_entity.pdbx_description
1 polymer 'PROTEIN G-PRIME'
2 polymer ANTIBODY
3 polymer ANTIBODY
4 polymer 'CLASS 1 OUTER MEMBRANE PROTEIN VARIABLE REGION 2'
5 water water
#
loop_
_entity_poly.entity_id
_entity_poly.type
_entity_poly.pdbx_seq_one_letter_code
_entity_poly.pdbx_strand_id
1 'polypeptide(L)' TPAVTTYKLVINGKTLKGETTTKAVDAATAEKVFKQYANDNGVDGEWTYDDATKTFTVTEKPE A,B
2 'polypeptide(L)'
;DVQLQQSGPELKKPGETVKLSCKASGYTFTNFGLNWMKQAPGKGLKWMGWINTYTGESTYADDFKGRFAFSLETSASTAY
LQINNVKNEDTATYFCARGFYYYGSRYFYFDYWGQGTTLTVSSAKTTAPSVYPLAPVCGDTTGSSVTLGCLVKGYFPEPV
TLTWNSGSLSSGVHTFPAVLQSDLYTLSSSVTVTSSTWPSQSITCNVAHPASSTKVDKKIEPRGP
;
H,M
3 'polypeptide(L)'
;GIVMTQTPASQSASLGESVTITCLASQTIGTWLAWYQQKPGKSPQLLIYAATSLADGVPSRFSGSGSGTKFSFKISSLQA
EDFVSYYCQQLSSTPYTFGGGTKLEIKRADAAPTVSIFPPSSEQLTSGGASVVCFLNNFYPKDINVKWKIDGKERQNGVL
NSWTDQDSKDSTYSMSSTLTLTKDEYERHNSYTCEATHKTSTSPIVKSFNRNE
;
K,L
4 'polypeptide(L)' HFVQQTPKSQPTL P,Q
#
# COMPACT_ATOMS: atom_id res chain seq x y z
N VAL A 4 -14.56 38.40 -22.35
CA VAL A 4 -14.43 36.89 -22.34
C VAL A 4 -15.47 36.18 -21.46
N THR A 5 -15.71 34.92 -21.81
CA THR A 5 -16.67 34.08 -21.08
C THR A 5 -16.18 32.62 -21.13
N THR A 6 -16.52 31.83 -20.13
CA THR A 6 -16.10 30.44 -20.04
C THR A 6 -17.04 29.58 -20.90
N TYR A 7 -16.48 28.91 -21.90
CA TYR A 7 -17.23 27.92 -22.67
C TYR A 7 -16.81 26.51 -22.23
N LYS A 8 -17.72 25.53 -22.37
CA LYS A 8 -17.45 24.13 -21.96
C LYS A 8 -17.54 23.18 -23.15
N LEU A 9 -16.76 22.11 -23.08
CA LEU A 9 -16.81 21.03 -24.06
C LEU A 9 -17.02 19.74 -23.33
N VAL A 10 -18.13 19.08 -23.62
CA VAL A 10 -18.35 17.73 -23.11
C VAL A 10 -17.86 16.72 -24.18
N ILE A 11 -16.96 15.83 -23.79
CA ILE A 11 -16.51 14.92 -24.78
C ILE A 11 -17.09 13.50 -24.62
N ASN A 12 -17.71 12.99 -25.69
CA ASN A 12 -18.21 11.63 -25.68
C ASN A 12 -17.53 10.74 -26.73
N GLY A 13 -16.29 10.33 -26.45
CA GLY A 13 -15.54 9.50 -27.36
C GLY A 13 -15.73 8.01 -27.15
N LYS A 14 -15.20 7.20 -28.06
CA LYS A 14 -15.10 5.76 -27.81
C LYS A 14 -14.19 5.42 -26.61
N THR A 15 -13.06 6.12 -26.47
CA THR A 15 -12.15 5.86 -25.36
C THR A 15 -11.89 7.13 -24.54
N LEU A 16 -12.09 8.31 -25.13
CA LEU A 16 -11.88 9.54 -24.34
C LEU A 16 -13.22 10.12 -23.89
N LYS A 17 -13.41 10.26 -22.58
CA LYS A 17 -14.68 10.84 -22.08
C LYS A 17 -14.44 11.88 -20.97
N GLY A 18 -15.23 12.95 -20.96
CA GLY A 18 -15.15 13.91 -19.88
C GLY A 18 -15.50 15.30 -20.33
N GLU A 19 -14.75 16.28 -19.83
CA GLU A 19 -15.01 17.67 -20.12
C GLU A 19 -13.74 18.52 -20.00
N THR A 20 -13.78 19.67 -20.66
CA THR A 20 -12.70 20.66 -20.62
C THR A 20 -13.38 22.01 -20.88
N THR A 21 -12.63 23.11 -20.68
CA THR A 21 -13.14 24.47 -20.85
C THR A 21 -12.13 25.37 -21.58
N THR A 22 -12.60 26.55 -21.99
CA THR A 22 -11.76 27.60 -22.55
C THR A 22 -12.40 28.96 -22.31
N LYS A 23 -11.58 29.99 -22.17
CA LYS A 23 -12.11 31.32 -22.01
C LYS A 23 -11.97 32.03 -23.36
N ALA A 24 -13.08 32.52 -23.90
CA ALA A 24 -13.07 33.09 -25.24
C ALA A 24 -14.04 34.27 -25.44
N VAL A 25 -13.78 35.05 -26.47
CA VAL A 25 -14.52 36.26 -26.79
C VAL A 25 -15.96 35.91 -27.17
N ASP A 26 -16.14 34.81 -27.92
CA ASP A 26 -17.47 34.38 -28.34
C ASP A 26 -17.49 32.88 -28.62
N ALA A 27 -18.68 32.35 -28.82
CA ALA A 27 -18.88 30.92 -29.04
C ALA A 27 -18.14 30.40 -30.29
N ALA A 28 -18.24 31.14 -31.39
CA ALA A 28 -17.55 30.73 -32.63
C ALA A 28 -16.04 30.62 -32.52
N THR A 29 -15.41 31.42 -31.66
CA THR A 29 -13.95 31.36 -31.42
C THR A 29 -13.59 30.16 -30.54
N ALA A 30 -14.38 29.97 -29.47
CA ALA A 30 -14.26 28.84 -28.57
C ALA A 30 -14.38 27.53 -29.35
N GLU A 31 -15.26 27.52 -30.35
CA GLU A 31 -15.51 26.34 -31.20
C GLU A 31 -14.24 25.89 -31.91
N LYS A 32 -13.55 26.86 -32.49
CA LYS A 32 -12.26 26.58 -33.14
C LYS A 32 -11.21 25.99 -32.19
N VAL A 33 -11.10 26.54 -30.98
CA VAL A 33 -10.22 25.98 -29.93
C VAL A 33 -10.62 24.54 -29.61
N PHE A 34 -11.93 24.31 -29.55
CA PHE A 34 -12.44 22.99 -29.13
C PHE A 34 -12.24 21.93 -30.22
N LYS A 35 -12.47 22.29 -31.47
CA LYS A 35 -12.24 21.38 -32.59
C LYS A 35 -10.72 21.03 -32.78
N GLN A 36 -9.85 21.99 -32.48
CA GLN A 36 -8.43 21.73 -32.46
C GLN A 36 -8.09 20.80 -31.29
N TYR A 37 -8.72 21.02 -30.14
CA TYR A 37 -8.54 20.14 -28.97
C TYR A 37 -8.94 18.71 -29.25
N ALA A 38 -10.08 18.51 -29.93
CA ALA A 38 -10.57 17.18 -30.23
C ALA A 38 -9.65 16.51 -31.24
N ASN A 39 -9.27 17.24 -32.29
CA ASN A 39 -8.27 16.74 -33.22
C ASN A 39 -6.95 16.33 -32.55
N ASP A 40 -6.42 17.15 -31.65
CA ASP A 40 -5.18 16.78 -30.99
C ASP A 40 -5.33 15.54 -30.11
N ASN A 41 -6.57 15.16 -29.80
CA ASN A 41 -6.84 14.03 -28.93
C ASN A 41 -7.42 12.83 -29.69
N GLY A 42 -7.47 12.88 -31.03
CA GLY A 42 -7.94 11.77 -31.86
C GLY A 42 -9.44 11.56 -31.88
N VAL A 43 -10.19 12.60 -31.49
CA VAL A 43 -11.65 12.50 -31.44
C VAL A 43 -12.27 13.16 -32.65
N ASP A 44 -13.07 12.40 -33.39
CA ASP A 44 -13.70 12.86 -34.61
C ASP A 44 -15.19 12.49 -34.60
N GLY A 45 -16.08 13.47 -34.59
CA GLY A 45 -17.50 13.13 -34.49
C GLY A 45 -18.44 14.29 -34.72
N GLU A 46 -19.69 14.15 -34.26
CA GLU A 46 -20.74 15.13 -34.46
C GLU A 46 -20.76 16.19 -33.32
N TRP A 47 -21.06 17.44 -33.71
CA TRP A 47 -21.01 18.59 -32.80
C TRP A 47 -22.39 19.18 -32.49
N THR A 48 -22.63 19.50 -31.22
CA THR A 48 -23.76 20.37 -30.87
C THR A 48 -23.28 21.55 -30.02
N TYR A 49 -24.16 22.51 -29.83
CA TYR A 49 -23.94 23.68 -29.04
C TYR A 49 -25.25 24.15 -28.43
N ASP A 50 -25.21 24.45 -27.12
CA ASP A 50 -26.37 24.92 -26.39
C ASP A 50 -25.99 26.28 -25.79
N ASP A 51 -26.59 27.35 -26.34
CA ASP A 51 -26.25 28.71 -25.91
C ASP A 51 -26.59 29.04 -24.45
N ALA A 52 -27.75 28.59 -23.97
CA ALA A 52 -28.12 28.76 -22.55
C ALA A 52 -27.06 28.28 -21.54
N THR A 53 -26.36 27.20 -21.83
CA THR A 53 -25.37 26.65 -20.89
C THR A 53 -23.92 26.85 -21.36
N LYS A 54 -23.75 27.54 -22.49
CA LYS A 54 -22.44 27.76 -23.12
C LYS A 54 -21.67 26.45 -23.37
N THR A 55 -22.39 25.36 -23.70
CA THR A 55 -21.82 24.01 -23.77
C THR A 55 -21.83 23.36 -25.17
N PHE A 56 -20.64 22.96 -25.60
CA PHE A 56 -20.47 22.23 -26.84
C PHE A 56 -20.47 20.75 -26.46
N THR A 57 -20.79 19.92 -27.43
CA THR A 57 -20.67 18.49 -27.27
C THR A 57 -20.00 17.93 -28.57
N VAL A 58 -19.05 17.00 -28.42
CA VAL A 58 -18.57 16.22 -29.56
C VAL A 58 -18.74 14.77 -29.21
N THR A 59 -19.37 14.03 -30.14
CA THR A 59 -19.61 12.62 -29.90
C THR A 59 -19.25 11.71 -31.10
N GLU A 60 -18.51 10.67 -30.76
CA GLU A 60 -18.05 9.69 -31.73
C GLU A 60 -19.12 8.65 -31.98
N LYS A 61 -19.18 8.16 -33.13
N VAL B 4 -34.82 0.35 -1.52
CA VAL B 4 -34.68 -1.15 -1.56
C VAL B 4 -35.58 -1.87 -0.55
N THR B 5 -35.85 -3.15 -0.84
CA THR B 5 -36.68 -4.01 0.00
C THR B 5 -36.19 -5.46 -0.12
N THR B 6 -36.43 -6.27 0.92
CA THR B 6 -36.00 -7.67 0.94
C THR B 6 -37.00 -8.51 0.18
N TYR B 7 -36.55 -9.19 -0.87
CA TYR B 7 -37.39 -10.21 -1.52
C TYR B 7 -36.93 -11.62 -1.13
N LYS B 8 -37.86 -12.57 -1.13
CA LYS B 8 -37.54 -13.98 -0.79
C LYS B 8 -37.82 -14.91 -1.96
N LEU B 9 -36.96 -15.92 -2.10
CA LEU B 9 -37.16 -17.02 -3.04
C LEU B 9 -37.31 -18.29 -2.27
N VAL B 10 -38.41 -19.00 -2.49
CA VAL B 10 -38.59 -20.33 -1.89
C VAL B 10 -38.29 -21.33 -3.02
N ILE B 11 -37.38 -22.27 -2.77
CA ILE B 11 -37.10 -23.22 -3.82
C ILE B 11 -37.59 -24.65 -3.53
N ASN B 12 -38.45 -25.17 -4.42
CA ASN B 12 -38.94 -26.57 -4.30
C ASN B 12 -38.38 -27.46 -5.42
N GLY B 13 -37.10 -27.86 -5.33
CA GLY B 13 -36.49 -28.68 -6.36
C GLY B 13 -36.50 -30.20 -6.09
N LYS B 14 -36.13 -30.98 -7.10
CA LYS B 14 -35.88 -32.42 -6.92
C LYS B 14 -34.76 -32.77 -5.91
N THR B 15 -33.68 -31.99 -5.91
CA THR B 15 -32.56 -32.20 -5.01
C THR B 15 -32.10 -30.97 -4.23
N LEU B 16 -32.43 -29.76 -4.70
CA LEU B 16 -32.21 -28.56 -3.92
C LEU B 16 -33.53 -27.99 -3.34
N LYS B 17 -33.58 -27.80 -2.03
CA LYS B 17 -34.78 -27.29 -1.34
C LYS B 17 -34.41 -26.24 -0.30
N GLY B 18 -35.25 -25.23 -0.13
CA GLY B 18 -35.03 -24.22 0.90
C GLY B 18 -35.41 -22.80 0.49
N GLU B 19 -34.64 -21.83 0.95
CA GLU B 19 -34.98 -20.43 0.71
C GLU B 19 -33.73 -19.59 0.66
N THR B 20 -33.87 -18.40 0.08
CA THR B 20 -32.78 -17.43 0.07
C THR B 20 -33.45 -16.08 -0.12
N THR B 21 -32.66 -15.01 0.00
CA THR B 21 -33.16 -13.63 -0.20
C THR B 21 -32.18 -12.73 -1.00
N THR B 22 -32.69 -11.55 -1.36
CA THR B 22 -31.94 -10.52 -2.07
C THR B 22 -32.57 -9.18 -1.73
N LYS B 23 -31.75 -8.13 -1.72
CA LYS B 23 -32.26 -6.78 -1.54
C LYS B 23 -32.25 -6.05 -2.88
N ALA B 24 -33.42 -5.49 -3.25
CA ALA B 24 -33.64 -4.99 -4.60
C ALA B 24 -34.58 -3.81 -4.64
N VAL B 25 -34.45 -3.04 -5.72
CA VAL B 25 -35.27 -1.88 -6.01
C VAL B 25 -36.76 -2.22 -6.16
N ASP B 26 -37.06 -3.34 -6.83
CA ASP B 26 -38.45 -3.70 -7.10
C ASP B 26 -38.53 -5.19 -7.41
N ALA B 27 -39.75 -5.70 -7.44
CA ALA B 27 -39.99 -7.11 -7.63
C ALA B 27 -39.37 -7.66 -8.93
N ALA B 28 -39.53 -6.94 -10.04
CA ALA B 28 -39.03 -7.37 -11.36
C ALA B 28 -37.51 -7.54 -11.44
N THR B 29 -36.76 -6.67 -10.73
CA THR B 29 -35.31 -6.75 -10.63
C THR B 29 -34.88 -7.94 -9.76
N ALA B 30 -35.58 -8.12 -8.64
CA ALA B 30 -35.34 -9.24 -7.76
C ALA B 30 -35.53 -10.58 -8.50
N GLU B 31 -36.53 -10.63 -9.38
CA GLU B 31 -36.88 -11.81 -10.15
C GLU B 31 -35.69 -12.23 -11.01
N LYS B 32 -35.02 -11.25 -11.64
CA LYS B 32 -33.90 -11.58 -12.52
C LYS B 32 -32.71 -12.17 -11.75
N VAL B 33 -32.46 -11.63 -10.55
CA VAL B 33 -31.45 -12.17 -9.64
C VAL B 33 -31.82 -13.59 -9.25
N PHE B 34 -33.11 -13.80 -8.98
CA PHE B 34 -33.57 -15.13 -8.52
C PHE B 34 -33.53 -16.15 -9.65
N LYS B 35 -33.91 -15.74 -10.86
CA LYS B 35 -33.90 -16.67 -11.98
C LYS B 35 -32.46 -17.02 -12.40
N GLN B 36 -31.55 -16.11 -12.15
CA GLN B 36 -30.13 -16.38 -12.44
C GLN B 36 -29.63 -17.37 -11.39
N TYR B 37 -30.08 -17.19 -10.15
CA TYR B 37 -29.63 -18.06 -9.07
C TYR B 37 -30.09 -19.50 -9.30
N ALA B 38 -31.35 -19.66 -9.74
CA ALA B 38 -31.92 -20.97 -9.98
C ALA B 38 -31.25 -21.64 -11.18
N ASN B 39 -31.00 -20.85 -12.21
CA ASN B 39 -30.18 -21.32 -13.36
C ASN B 39 -28.79 -21.82 -12.93
N ASP B 40 -28.06 -21.05 -12.12
CA ASP B 40 -26.69 -21.41 -11.70
C ASP B 40 -26.70 -22.66 -10.79
N ASN B 41 -27.88 -23.07 -10.32
CA ASN B 41 -27.97 -24.19 -9.38
C ASN B 41 -28.76 -25.37 -9.95
N GLY B 42 -28.87 -25.42 -11.29
CA GLY B 42 -29.55 -26.52 -11.98
C GLY B 42 -31.04 -26.67 -11.70
N VAL B 43 -31.69 -25.60 -11.25
CA VAL B 43 -33.13 -25.66 -10.95
C VAL B 43 -33.89 -25.09 -12.12
N ASP B 44 -34.87 -25.85 -12.60
CA ASP B 44 -35.65 -25.49 -13.75
C ASP B 44 -37.14 -25.84 -13.49
N GLY B 45 -37.98 -24.83 -13.29
CA GLY B 45 -39.38 -25.14 -13.02
C GLY B 45 -40.29 -23.95 -13.24
N GLU B 46 -41.46 -24.01 -12.62
CA GLU B 46 -42.52 -23.01 -12.73
C GLU B 46 -42.45 -21.97 -11.61
N TRP B 47 -42.79 -20.73 -11.96
CA TRP B 47 -42.62 -19.55 -11.10
C TRP B 47 -43.92 -18.91 -10.64
N THR B 48 -44.03 -18.64 -9.34
CA THR B 48 -45.10 -17.79 -8.82
C THR B 48 -44.50 -16.68 -8.00
N TYR B 49 -45.35 -15.69 -7.71
CA TYR B 49 -44.97 -14.51 -6.94
C TYR B 49 -46.18 -14.04 -6.16
N ASP B 50 -45.97 -13.84 -4.86
CA ASP B 50 -46.99 -13.30 -3.96
C ASP B 50 -46.51 -11.92 -3.51
N ASP B 51 -47.24 -10.87 -3.88
CA ASP B 51 -46.84 -9.50 -3.50
C ASP B 51 -46.94 -9.23 -1.99
N ALA B 52 -48.01 -9.69 -1.35
CA ALA B 52 -48.23 -9.47 0.08
C ALA B 52 -47.05 -9.90 0.95
N THR B 53 -46.42 -11.03 0.59
CA THR B 53 -45.25 -11.53 1.30
C THR B 53 -43.91 -11.34 0.57
N LYS B 54 -43.88 -10.54 -0.50
CA LYS B 54 -42.66 -10.36 -1.34
C LYS B 54 -41.91 -11.69 -1.63
N THR B 55 -42.66 -12.75 -1.91
CA THR B 55 -42.12 -14.10 -2.06
C THR B 55 -42.33 -14.74 -3.44
N PHE B 56 -41.23 -15.10 -4.06
CA PHE B 56 -41.22 -15.87 -5.29
C PHE B 56 -41.08 -17.34 -4.94
N THR B 57 -41.64 -18.20 -5.77
CA THR B 57 -41.50 -19.62 -5.60
C THR B 57 -41.10 -20.22 -6.94
N VAL B 58 -40.11 -21.11 -6.93
CA VAL B 58 -39.80 -21.94 -8.09
C VAL B 58 -39.99 -23.40 -7.71
N THR B 59 -40.79 -24.12 -8.51
CA THR B 59 -40.95 -25.56 -8.23
C THR B 59 -40.77 -26.50 -9.42
N GLU B 60 -39.96 -27.53 -9.20
CA GLU B 60 -39.65 -28.50 -10.22
C GLU B 60 -40.71 -29.60 -10.19
N LYS B 61 -40.94 -30.25 -11.31
CA LYS B 61 -41.71 -31.50 -11.29
C LYS B 61 -40.99 -32.52 -10.39
N PRO B 62 -41.72 -33.44 -9.78
CA PRO B 62 -41.11 -34.49 -8.95
C PRO B 62 -40.28 -35.41 -9.90
N GLU B 63 -39.28 -36.09 -9.37
CA GLU B 63 -38.50 -36.94 -10.26
C GLU B 63 -39.21 -38.27 -10.60
N VAL C 2 6.47 32.07 15.85
CA VAL C 2 7.33 32.75 14.81
C VAL C 2 7.21 32.03 13.45
N GLN C 3 6.92 32.81 12.41
CA GLN C 3 6.71 32.27 11.06
C GLN C 3 7.26 33.19 9.97
N LEU C 4 7.68 32.57 8.88
CA LEU C 4 7.92 33.26 7.62
C LEU C 4 6.93 32.70 6.59
N GLN C 5 6.05 33.55 6.09
CA GLN C 5 4.98 33.16 5.19
C GLN C 5 5.18 33.87 3.84
N GLN C 6 5.40 33.10 2.77
CA GLN C 6 5.68 33.60 1.40
C GLN C 6 4.44 33.61 0.51
N SER C 7 4.45 34.45 -0.54
CA SER C 7 3.33 34.47 -1.50
C SER C 7 3.28 33.20 -2.32
N GLY C 8 2.28 33.09 -3.18
CA GLY C 8 2.01 31.88 -3.94
C GLY C 8 2.73 31.74 -5.29
N PRO C 9 2.50 30.61 -5.97
CA PRO C 9 3.16 30.30 -7.24
C PRO C 9 2.97 31.36 -8.34
N GLU C 10 4.02 31.54 -9.11
CA GLU C 10 4.05 32.57 -10.14
C GLU C 10 4.37 32.01 -11.54
N LEU C 11 3.59 32.46 -12.53
CA LEU C 11 3.79 32.08 -13.91
C LEU C 11 4.05 33.36 -14.71
N LYS C 12 5.17 33.37 -15.41
CA LYS C 12 5.63 34.55 -16.11
C LYS C 12 6.13 34.23 -17.52
N LYS C 13 5.86 35.13 -18.46
CA LYS C 13 6.39 35.02 -19.80
C LYS C 13 7.76 35.72 -19.85
N PRO C 14 8.66 35.29 -20.75
CA PRO C 14 9.99 35.91 -20.87
C PRO C 14 9.86 37.42 -20.96
N GLY C 15 10.66 38.15 -20.17
CA GLY C 15 10.71 39.61 -20.22
C GLY C 15 9.83 40.34 -19.21
N GLU C 16 8.95 39.61 -18.53
CA GLU C 16 8.09 40.20 -17.53
C GLU C 16 8.85 40.38 -16.20
N THR C 17 8.16 40.92 -15.20
CA THR C 17 8.74 41.14 -13.87
C THR C 17 7.94 40.31 -12.85
N VAL C 18 8.61 39.76 -11.83
CA VAL C 18 7.93 39.19 -10.66
C VAL C 18 8.29 39.92 -9.41
N LYS C 19 7.35 39.94 -8.49
CA LYS C 19 7.60 40.43 -7.14
C LYS C 19 7.05 39.41 -6.16
N LEU C 20 7.92 38.81 -5.34
CA LEU C 20 7.38 37.92 -4.33
C LEU C 20 7.68 38.29 -2.89
N SER C 21 6.72 38.03 -2.02
CA SER C 21 6.77 38.54 -0.64
C SER C 21 7.17 37.50 0.39
N CYS C 22 7.64 37.98 1.54
CA CYS C 22 7.99 37.15 2.68
C CYS C 22 7.50 37.89 3.92
N LYS C 23 6.41 37.42 4.49
CA LYS C 23 5.85 38.03 5.69
C LYS C 23 6.35 37.31 6.96
N ALA C 24 6.95 38.08 7.86
CA ALA C 24 7.42 37.59 9.17
C ALA C 24 6.44 37.98 10.26
N SER C 25 6.21 37.08 11.21
CA SER C 25 5.37 37.36 12.37
C SER C 25 5.92 36.68 13.61
N GLY C 26 5.56 37.20 14.78
CA GLY C 26 5.97 36.61 16.04
C GLY C 26 7.21 37.20 16.69
N TYR C 27 7.88 38.12 15.99
CA TYR C 27 9.04 38.82 16.56
C TYR C 27 9.15 40.23 15.99
N THR C 28 9.92 41.08 16.66
CA THR C 28 10.19 42.42 16.17
C THR C 28 10.90 42.29 14.83
N PHE C 29 10.23 42.75 13.78
CA PHE C 29 10.69 42.60 12.39
C PHE C 29 12.10 43.14 12.13
N THR C 30 12.44 44.29 12.72
CA THR C 30 13.73 44.95 12.46
C THR C 30 14.93 44.39 13.22
N ASN C 31 14.72 43.41 14.10
CA ASN C 31 15.83 42.81 14.84
C ASN C 31 16.79 41.97 13.95
N PHE C 32 16.23 41.29 12.96
CA PHE C 32 16.97 40.29 12.19
C PHE C 32 16.86 40.52 10.69
N GLY C 33 17.93 40.20 9.96
CA GLY C 33 17.96 40.40 8.53
C GLY C 33 17.32 39.22 7.81
N LEU C 34 17.07 39.41 6.51
CA LEU C 34 16.37 38.41 5.70
C LEU C 34 17.21 38.04 4.47
N ASN C 35 17.33 36.72 4.28
CA ASN C 35 18.19 36.12 3.26
C ASN C 35 17.32 35.47 2.21
N TRP C 36 17.76 35.52 0.96
CA TRP C 36 17.01 34.93 -0.15
C TRP C 36 17.87 33.84 -0.86
N MET C 37 17.28 32.65 -1.06
CA MET C 37 17.92 31.53 -1.75
C MET C 37 17.20 31.10 -3.00
N LYS C 38 17.96 30.61 -3.98
CA LYS C 38 17.43 30.02 -5.20
C LYS C 38 17.71 28.51 -5.24
N GLN C 39 16.69 27.72 -5.58
CA GLN C 39 16.87 26.29 -5.85
C GLN C 39 16.26 25.91 -7.19
N ALA C 40 17.10 25.67 -8.18
CA ALA C 40 16.63 25.22 -9.50
C ALA C 40 16.17 23.76 -9.39
N PRO C 41 15.24 23.35 -10.27
CA PRO C 41 14.56 22.06 -10.21
C PRO C 41 15.30 20.88 -9.53
N GLY C 42 16.28 20.26 -10.16
CA GLY C 42 16.95 19.17 -9.47
C GLY C 42 18.23 19.57 -8.78
N LYS C 43 18.36 20.84 -8.42
CA LYS C 43 19.66 21.39 -7.99
C LYS C 43 19.78 21.73 -6.50
N GLY C 44 20.97 22.23 -6.13
CA GLY C 44 21.26 22.66 -4.76
C GLY C 44 20.89 24.10 -4.41
N LEU C 45 21.06 24.46 -3.14
CA LEU C 45 20.75 25.80 -2.62
C LEU C 45 21.82 26.84 -2.95
N LYS C 46 21.38 27.99 -3.44
CA LYS C 46 22.25 29.12 -3.76
C LYS C 46 21.83 30.40 -3.00
N TRP C 47 22.79 31.00 -2.30
CA TRP C 47 22.53 32.25 -1.54
C TRP C 47 22.59 33.45 -2.48
N MET C 48 21.48 34.19 -2.59
CA MET C 48 21.39 35.29 -3.56
C MET C 48 21.90 36.61 -2.97
N GLY C 49 21.79 36.74 -1.66
CA GLY C 49 22.04 38.01 -0.98
C GLY C 49 21.13 38.17 0.22
N TRP C 50 21.20 39.36 0.82
CA TRP C 50 20.40 39.63 2.01
C TRP C 50 20.05 41.11 2.14
N ILE C 51 19.04 41.40 2.96
CA ILE C 51 18.65 42.78 3.26
C ILE C 51 18.60 43.04 4.75
N ASN C 52 19.18 44.17 5.15
CA ASN C 52 19.12 44.61 6.54
C ASN C 52 17.75 45.22 6.81
N THR C 53 17.00 44.57 7.68
CA THR C 53 15.67 45.03 8.04
C THR C 53 15.60 46.31 8.88
N TYR C 54 16.70 46.68 9.52
CA TYR C 54 16.75 47.95 10.26
C TYR C 54 17.19 49.11 9.38
N THR C 55 17.96 48.81 8.35
CA THR C 55 18.70 49.82 7.62
C THR C 55 18.23 50.01 6.18
N GLY C 56 17.69 48.94 5.60
CA GLY C 56 17.26 48.93 4.21
C GLY C 56 18.39 48.58 3.23
N GLU C 57 19.64 48.52 3.72
CA GLU C 57 20.81 48.23 2.88
C GLU C 57 20.74 46.78 2.43
N SER C 58 20.78 46.59 1.11
CA SER C 58 20.79 45.27 0.48
C SER C 58 22.21 44.87 0.05
N THR C 59 22.51 43.58 0.16
CA THR C 59 23.77 43.02 -0.36
C THR C 59 23.45 41.89 -1.35
N TYR C 60 23.99 41.99 -2.57
CA TYR C 60 23.83 40.98 -3.61
C TYR C 60 25.12 40.15 -3.88
N ALA C 61 24.98 38.83 -3.88
CA ALA C 61 26.02 37.92 -4.38
C ALA C 61 26.34 38.23 -5.87
N ASP C 62 27.57 37.93 -6.30
CA ASP C 62 28.03 38.21 -7.69
C ASP C 62 27.12 37.67 -8.81
N ASP C 63 26.48 36.53 -8.60
CA ASP C 63 25.64 35.93 -9.63
C ASP C 63 24.27 36.59 -9.71
N PHE C 64 24.01 37.55 -8.81
CA PHE C 64 22.67 38.13 -8.72
C PHE C 64 22.69 39.66 -8.73
N LYS C 65 23.61 40.20 -9.53
CA LYS C 65 23.70 41.64 -9.75
C LYS C 65 23.08 41.96 -11.09
N GLY C 66 22.21 42.97 -11.13
CA GLY C 66 21.56 43.40 -12.35
C GLY C 66 20.04 43.34 -12.29
N ARG C 67 19.48 42.14 -12.44
CA ARG C 67 18.03 41.99 -12.56
C ARG C 67 17.34 41.82 -11.21
N PHE C 68 18.10 41.79 -10.12
CA PHE C 68 17.55 41.40 -8.82
C PHE C 68 17.53 42.56 -7.82
N ALA C 69 16.38 42.71 -7.16
CA ALA C 69 16.14 43.84 -6.25
C ALA C 69 15.36 43.42 -4.99
N PHE C 70 15.93 43.63 -3.81
CA PHE C 70 15.26 43.35 -2.54
C PHE C 70 14.64 44.62 -2.02
N SER C 71 13.51 44.50 -1.32
CA SER C 71 12.92 45.68 -0.68
C SER C 71 12.13 45.32 0.59
N LEU C 72 11.64 46.35 1.26
CA LEU C 72 10.99 46.23 2.56
C LEU C 72 9.71 47.05 2.58
N GLU C 73 8.68 46.52 3.23
CA GLU C 73 7.57 47.33 3.72
C GLU C 73 7.46 47.08 5.21
N THR C 74 8.15 47.90 5.99
CA THR C 74 8.40 47.64 7.42
C THR C 74 7.13 47.55 8.28
N SER C 75 6.14 48.38 7.97
CA SER C 75 4.89 48.40 8.74
C SER C 75 4.05 47.13 8.57
N ALA C 76 4.15 46.47 7.40
CA ALA C 76 3.53 45.16 7.17
C ALA C 76 4.49 43.97 7.41
N SER C 77 5.63 44.21 8.07
CA SER C 77 6.60 43.18 8.40
C SER C 77 6.96 42.27 7.22
N THR C 78 7.16 42.87 6.05
CA THR C 78 7.33 42.12 4.82
C THR C 78 8.59 42.53 4.06
N ALA C 79 9.29 41.52 3.52
CA ALA C 79 10.40 41.72 2.60
C ALA C 79 9.98 41.22 1.25
N TYR C 80 10.51 41.82 0.18
CA TYR C 80 10.20 41.43 -1.19
C TYR C 80 11.42 41.09 -2.04
N LEU C 81 11.25 40.10 -2.94
CA LEU C 81 12.22 39.85 -4.01
C LEU C 81 11.64 40.17 -5.39
N GLN C 82 12.31 41.06 -6.12
CA GLN C 82 11.89 41.40 -7.47
C GLN C 82 12.92 40.92 -8.48
N ILE C 83 12.45 40.18 -9.49
CA ILE C 83 13.29 39.80 -10.63
C ILE C 83 12.73 40.47 -11.86
N ASN C 84 13.53 41.36 -12.47
CA ASN C 84 13.18 42.01 -13.73
C ASN C 84 13.62 41.20 -14.95
N ASN C 85 12.91 41.38 -16.07
CA ASN C 85 13.27 40.81 -17.36
C ASN C 85 13.57 39.29 -17.33
N VAL C 86 12.63 38.54 -16.78
CA VAL C 86 12.83 37.11 -16.47
C VAL C 86 13.18 36.27 -17.70
N LYS C 87 13.98 35.23 -17.47
CA LYS C 87 14.27 34.22 -18.50
C LYS C 87 14.19 32.79 -17.99
N ASN C 88 14.39 31.83 -18.91
CA ASN C 88 14.32 30.40 -18.61
C ASN C 88 15.13 29.96 -17.40
N GLU C 89 16.27 30.61 -17.16
CA GLU C 89 17.15 30.28 -16.05
C GLU C 89 16.61 30.68 -14.66
N ASP C 90 15.56 31.53 -14.62
CA ASP C 90 14.92 31.95 -13.35
C ASP C 90 13.88 30.98 -12.81
N THR C 91 13.51 29.98 -13.62
CA THR C 91 12.59 28.92 -13.23
C THR C 91 13.21 28.13 -12.11
N ALA C 92 12.66 28.26 -10.91
CA ALA C 92 13.26 27.74 -9.69
C ALA C 92 12.30 27.98 -8.54
N THR C 93 12.68 27.51 -7.34
CA THR C 93 11.99 27.83 -6.12
C THR C 93 12.83 28.86 -5.32
N TYR C 94 12.15 29.83 -4.73
CA TYR C 94 12.85 30.87 -3.98
C TYR C 94 12.42 30.82 -2.49
N PHE C 95 13.39 30.85 -1.58
CA PHE C 95 13.13 30.86 -0.13
C PHE C 95 13.66 32.11 0.53
N CYS C 96 12.89 32.68 1.45
CA CYS C 96 13.47 33.61 2.36
C CYS C 96 13.84 32.86 3.64
N ALA C 97 14.85 33.36 4.37
CA ALA C 97 15.21 32.83 5.68
C ALA C 97 15.80 33.93 6.59
N ARG C 98 15.36 33.89 7.85
CA ARG C 98 15.84 34.74 8.91
C ARG C 98 17.27 34.39 9.30
N GLY C 99 18.15 35.42 9.27
CA GLY C 99 19.49 35.29 9.81
C GLY C 99 19.50 35.58 11.31
N PHE C 100 19.62 34.54 12.14
CA PHE C 100 19.79 34.74 13.59
C PHE C 100 21.21 35.18 14.01
N TYR C 101 21.32 36.46 14.36
CA TYR C 101 22.51 37.09 14.92
C TYR C 101 22.07 38.36 15.64
N TYR C 102 22.89 38.85 16.56
CA TYR C 102 22.70 40.13 17.25
C TYR C 102 24.04 40.63 17.84
N TYR C 103 24.07 41.87 18.31
CA TYR C 103 25.24 42.45 18.96
C TYR C 103 25.68 41.68 20.22
N GLY C 104 26.88 41.09 20.15
CA GLY C 104 27.45 40.27 21.19
C GLY C 104 27.18 38.77 21.02
N SER C 105 26.50 38.39 19.95
CA SER C 105 26.19 36.97 19.76
C SER C 105 27.45 36.18 19.40
N ARG C 106 27.53 34.95 19.89
CA ARG C 106 28.61 34.05 19.52
C ARG C 106 28.36 33.28 18.24
N TYR C 107 27.09 33.16 17.85
CA TYR C 107 26.65 32.25 16.80
C TYR C 107 25.87 32.97 15.69
N PHE C 108 25.90 32.38 14.49
CA PHE C 108 25.20 32.87 13.27
C PHE C 108 24.69 31.65 12.46
N TYR C 109 23.39 31.64 12.14
CA TYR C 109 22.73 30.59 11.40
C TYR C 109 21.35 31.08 10.92
N PHE C 110 20.71 30.34 10.02
CA PHE C 110 19.40 30.66 9.48
C PHE C 110 18.37 29.72 10.16
N ASP C 111 17.53 30.24 11.04
CA ASP C 111 16.70 29.37 11.87
C ASP C 111 15.30 29.18 11.27
N TYR C 112 14.60 30.28 10.98
CA TYR C 112 13.30 30.19 10.30
C TYR C 112 13.37 30.45 8.82
N TRP C 113 12.69 29.57 8.06
CA TRP C 113 12.64 29.59 6.60
C TRP C 113 11.18 29.76 6.13
N GLY C 114 10.97 30.46 5.01
CA GLY C 114 9.64 30.48 4.43
C GLY C 114 9.33 29.15 3.76
N GLN C 115 8.09 28.94 3.31
CA GLN C 115 7.72 27.64 2.78
C GLN C 115 8.17 27.49 1.30
N GLY C 116 8.69 28.58 0.74
CA GLY C 116 9.20 28.59 -0.61
C GLY C 116 8.19 29.02 -1.66
N THR C 117 8.66 29.68 -2.72
CA THR C 117 7.78 30.01 -3.81
C THR C 117 8.33 29.75 -5.21
N THR C 118 7.48 29.09 -6.01
CA THR C 118 7.75 28.65 -7.35
C THR C 118 7.55 29.77 -8.42
N LEU C 119 8.55 29.89 -9.31
CA LEU C 119 8.48 30.72 -10.50
C LEU C 119 8.65 29.83 -11.74
N THR C 120 7.75 29.98 -12.70
CA THR C 120 7.87 29.24 -13.94
C THR C 120 7.83 30.23 -15.11
N VAL C 121 8.81 30.09 -15.99
CA VAL C 121 8.91 31.00 -17.14
C VAL C 121 8.58 30.24 -18.41
N SER C 122 7.61 30.78 -19.15
CA SER C 122 7.06 30.14 -20.33
C SER C 122 6.30 31.16 -21.16
N SER C 123 6.35 30.98 -22.47
CA SER C 123 5.62 31.86 -23.39
C SER C 123 4.16 31.38 -23.44
N ALA C 124 3.90 30.17 -22.97
CA ALA C 124 2.58 29.54 -23.10
C ALA C 124 1.43 30.24 -22.34
N LYS C 125 0.21 30.07 -22.84
CA LYS C 125 -0.98 30.37 -22.06
C LYS C 125 -1.59 29.05 -21.66
N THR C 126 -2.59 29.12 -20.79
CA THR C 126 -3.31 27.95 -20.33
C THR C 126 -3.67 27.08 -21.54
N THR C 127 -3.33 25.79 -21.47
CA THR C 127 -3.53 24.81 -22.53
C THR C 127 -3.87 23.46 -21.89
N ALA C 128 -5.01 22.89 -22.26
CA ALA C 128 -5.44 21.61 -21.75
C ALA C 128 -4.59 20.48 -22.37
N PRO C 129 -4.47 19.35 -21.66
CA PRO C 129 -3.62 18.24 -22.13
C PRO C 129 -4.25 17.37 -23.25
N SER C 130 -3.45 16.85 -24.16
CA SER C 130 -3.83 15.66 -24.92
C SER C 130 -3.44 14.39 -24.14
N VAL C 131 -4.35 13.40 -24.09
CA VAL C 131 -4.13 12.14 -23.36
C VAL C 131 -4.03 10.99 -24.40
N TYR C 132 -2.84 10.41 -24.52
CA TYR C 132 -2.63 9.30 -25.46
C TYR C 132 -2.45 7.97 -24.75
N PRO C 133 -3.04 6.92 -25.32
CA PRO C 133 -3.04 5.62 -24.67
C PRO C 133 -1.71 4.93 -24.96
N LEU C 134 -1.20 4.15 -24.03
CA LEU C 134 -0.01 3.33 -24.25
C LEU C 134 -0.43 1.89 -24.03
N ALA C 135 -0.52 1.13 -25.13
CA ALA C 135 -0.87 -0.31 -25.08
C ALA C 135 0.18 -1.07 -25.86
N PRO C 136 0.52 -2.31 -25.44
CA PRO C 136 1.47 -3.15 -26.22
C PRO C 136 0.98 -3.53 -27.63
N VAL C 137 1.90 -3.67 -28.59
CA VAL C 137 1.60 -4.32 -29.91
C VAL C 137 2.77 -4.93 -30.71
N SER C 144 3.65 -13.11 -18.56
CA SER C 144 2.93 -13.27 -17.29
C SER C 144 2.44 -11.95 -16.67
N SER C 145 3.14 -10.84 -16.93
CA SER C 145 2.59 -9.52 -16.63
C SER C 145 2.53 -8.62 -17.84
N VAL C 146 1.72 -7.57 -17.76
CA VAL C 146 1.55 -6.63 -18.84
C VAL C 146 1.64 -5.19 -18.26
N THR C 147 2.35 -4.30 -18.96
CA THR C 147 2.50 -2.91 -18.58
C THR C 147 1.75 -2.02 -19.56
N LEU C 148 0.94 -1.12 -19.00
CA LEU C 148 0.16 -0.12 -19.74
C LEU C 148 0.52 1.30 -19.27
N GLY C 149 -0.03 2.32 -19.94
CA GLY C 149 0.31 3.69 -19.62
C GLY C 149 -0.61 4.74 -20.24
N CYS C 150 -0.41 5.99 -19.81
CA CYS C 150 -1.00 7.14 -20.50
C CYS C 150 0.09 8.18 -20.65
N LEU C 151 0.14 8.83 -21.81
CA LEU C 151 1.07 9.91 -22.11
C LEU C 151 0.25 11.22 -22.14
N VAL C 152 0.63 12.21 -21.35
CA VAL C 152 -0.17 13.39 -21.14
C VAL C 152 0.67 14.54 -21.63
N LYS C 153 0.41 14.95 -22.88
CA LYS C 153 1.27 15.89 -23.58
C LYS C 153 0.65 17.26 -23.80
N GLY C 154 1.51 18.26 -23.95
CA GLY C 154 1.09 19.56 -24.43
C GLY C 154 0.32 20.54 -23.55
N TYR C 155 0.41 20.39 -22.24
CA TYR C 155 -0.34 21.24 -21.32
C TYR C 155 0.51 22.33 -20.63
N PHE C 156 -0.17 23.36 -20.11
CA PHE C 156 0.40 24.40 -19.25
C PHE C 156 -0.73 25.06 -18.48
N PRO C 157 -0.56 25.38 -17.18
CA PRO C 157 0.63 25.08 -16.36
C PRO C 157 0.50 23.80 -15.52
N GLU C 158 1.46 23.53 -14.61
CA GLU C 158 1.33 22.46 -13.62
C GLU C 158 0.25 22.88 -12.61
N PRO C 159 -0.38 21.95 -11.88
CA PRO C 159 -0.18 20.50 -12.04
C PRO C 159 -1.24 19.76 -12.89
N VAL C 160 -0.95 18.54 -13.34
CA VAL C 160 -1.99 17.58 -13.61
C VAL C 160 -1.96 16.42 -12.61
N THR C 161 -3.14 15.86 -12.36
CA THR C 161 -3.36 14.74 -11.45
C THR C 161 -3.77 13.49 -12.27
N LEU C 162 -3.30 12.30 -11.88
CA LEU C 162 -3.64 11.09 -12.63
C LEU C 162 -3.83 9.89 -11.69
N THR C 163 -4.96 9.21 -11.83
CA THR C 163 -5.19 7.90 -11.21
C THR C 163 -5.59 6.86 -12.25
N TRP C 164 -5.66 5.60 -11.79
CA TRP C 164 -6.07 4.45 -12.59
C TRP C 164 -7.31 3.84 -11.97
N ASN C 165 -8.31 3.56 -12.81
CA ASN C 165 -9.60 3.02 -12.34
C ASN C 165 -10.15 3.76 -11.10
N SER C 166 -10.04 5.09 -11.14
CA SER C 166 -10.58 5.99 -10.13
C SER C 166 -9.91 5.79 -8.78
N GLY C 167 -8.65 5.41 -8.79
CA GLY C 167 -7.90 5.21 -7.55
C GLY C 167 -7.93 3.82 -6.97
N SER C 168 -8.72 2.93 -7.55
CA SER C 168 -8.74 1.52 -7.13
C SER C 168 -7.60 0.67 -7.69
N LEU C 169 -6.92 1.12 -8.75
CA LEU C 169 -5.62 0.54 -9.08
C LEU C 169 -4.51 1.44 -8.57
N SER C 170 -3.89 1.12 -7.42
CA SER C 170 -2.78 1.93 -6.92
C SER C 170 -1.42 1.23 -6.82
N SER C 171 -1.45 -0.08 -6.63
CA SER C 171 -0.24 -0.91 -6.67
C SER C 171 0.20 -1.03 -8.11
N GLY C 172 1.50 -1.18 -8.33
CA GLY C 172 2.03 -1.38 -9.68
C GLY C 172 2.04 -0.11 -10.56
N VAL C 173 1.87 1.05 -9.93
CA VAL C 173 1.74 2.31 -10.66
C VAL C 173 3.05 3.11 -10.57
N HIS C 174 3.50 3.67 -11.70
CA HIS C 174 4.55 4.70 -11.67
C HIS C 174 4.12 5.93 -12.45
N THR C 175 3.90 7.04 -11.74
CA THR C 175 3.49 8.31 -12.36
C THR C 175 4.71 9.23 -12.30
N PHE C 176 5.24 9.65 -13.45
CA PHE C 176 6.52 10.35 -13.47
C PHE C 176 6.37 11.88 -13.31
N PRO C 177 7.33 12.56 -12.64
CA PRO C 177 7.29 14.04 -12.59
C PRO C 177 7.25 14.68 -13.97
N ALA C 178 6.48 15.77 -14.09
CA ALA C 178 6.30 16.50 -15.36
C ALA C 178 7.59 17.19 -15.75
N VAL C 179 7.91 17.20 -17.05
CA VAL C 179 9.01 18.03 -17.52
C VAL C 179 8.57 19.04 -18.60
N LEU C 180 9.05 20.27 -18.45
CA LEU C 180 8.77 21.38 -19.34
C LEU C 180 9.78 21.25 -20.47
N GLN C 181 9.33 21.17 -21.71
CA GLN C 181 10.28 20.87 -22.80
C GLN C 181 10.48 22.12 -23.60
N SER C 182 9.51 22.50 -24.43
CA SER C 182 9.64 23.85 -25.01
C SER C 182 8.31 24.56 -24.84
N ASP C 183 8.21 25.14 -23.64
CA ASP C 183 7.04 25.90 -23.14
C ASP C 183 5.84 25.06 -22.79
N LEU C 184 5.88 23.74 -23.02
CA LEU C 184 4.77 22.85 -22.58
C LEU C 184 5.24 21.66 -21.74
N TYR C 185 4.32 21.08 -20.98
CA TYR C 185 4.64 19.96 -20.11
C TYR C 185 4.30 18.61 -20.72
N THR C 186 5.00 17.57 -20.27
CA THR C 186 4.71 16.18 -20.63
C THR C 186 4.82 15.43 -19.34
N LEU C 187 3.86 14.56 -19.08
CA LEU C 187 3.93 13.63 -17.98
C LEU C 187 3.43 12.24 -18.43
N SER C 188 3.87 11.19 -17.77
CA SER C 188 3.46 9.87 -18.18
C SER C 188 3.25 9.01 -16.94
N SER C 189 2.55 7.90 -17.11
CA SER C 189 2.30 6.98 -15.98
C SER C 189 2.15 5.60 -16.55
N SER C 190 2.80 4.61 -15.91
CA SER C 190 2.65 3.20 -16.30
C SER C 190 1.90 2.47 -15.20
N VAL C 191 1.15 1.42 -15.56
CA VAL C 191 0.57 0.52 -14.58
C VAL C 191 0.81 -0.94 -15.01
N THR C 192 1.15 -1.78 -14.05
CA THR C 192 1.53 -3.16 -14.33
C THR C 192 0.54 -4.12 -13.66
N VAL C 193 -0.08 -4.99 -14.44
CA VAL C 193 -1.00 -6.04 -13.90
C VAL C 193 -0.69 -7.44 -14.40
N THR C 194 -1.22 -8.46 -13.74
CA THR C 194 -1.09 -9.84 -14.24
C THR C 194 -1.77 -9.95 -15.61
N SER C 195 -1.21 -10.80 -16.48
CA SER C 195 -1.70 -10.91 -17.85
C SER C 195 -3.10 -11.49 -17.94
N SER C 196 -3.58 -12.17 -16.90
CA SER C 196 -4.96 -12.61 -16.91
C SER C 196 -5.95 -11.49 -16.55
N THR C 197 -5.45 -10.36 -16.06
CA THR C 197 -6.29 -9.20 -15.69
C THR C 197 -6.86 -8.44 -16.89
N TRP C 198 -5.98 -7.92 -17.75
CA TRP C 198 -6.33 -7.09 -18.90
C TRP C 198 -6.02 -7.91 -20.15
N PRO C 199 -6.85 -7.81 -21.19
CA PRO C 199 -7.95 -6.83 -21.28
C PRO C 199 -9.32 -7.31 -20.80
N SER C 200 -9.37 -8.45 -20.12
CA SER C 200 -10.59 -8.97 -19.53
C SER C 200 -11.32 -7.95 -18.68
N GLN C 201 -10.57 -7.21 -17.87
CA GLN C 201 -11.14 -6.06 -17.13
C GLN C 201 -10.59 -4.83 -17.71
N SER C 202 -11.41 -3.78 -17.75
CA SER C 202 -11.00 -2.54 -18.39
C SER C 202 -10.00 -1.86 -17.47
N ILE C 203 -9.09 -1.09 -18.05
CA ILE C 203 -8.18 -0.23 -17.31
C ILE C 203 -8.26 1.16 -17.95
N THR C 204 -8.50 2.17 -17.12
CA THR C 204 -8.72 3.56 -17.52
C THR C 204 -7.82 4.53 -16.70
N CYS C 205 -7.21 5.52 -17.34
CA CYS C 205 -6.49 6.55 -16.58
C CYS C 205 -7.35 7.80 -16.52
N ASN C 206 -7.41 8.41 -15.33
CA ASN C 206 -8.21 9.62 -15.06
C ASN C 206 -7.27 10.79 -14.86
N VAL C 207 -7.40 11.78 -15.72
CA VAL C 207 -6.45 12.87 -15.83
C VAL C 207 -7.19 14.16 -15.51
N ALA C 208 -6.67 14.91 -14.52
CA ALA C 208 -7.22 16.24 -14.17
C ALA C 208 -6.17 17.32 -14.37
N HIS C 209 -6.61 18.46 -14.89
CA HIS C 209 -5.78 19.64 -15.10
C HIS C 209 -6.67 20.79 -14.67
N PRO C 210 -6.66 21.10 -13.35
CA PRO C 210 -7.53 22.14 -12.77
C PRO C 210 -7.48 23.51 -13.46
N ALA C 211 -6.31 23.90 -13.96
CA ALA C 211 -6.25 25.24 -14.60
C ALA C 211 -7.10 25.43 -15.88
N SER C 212 -7.40 24.34 -16.60
CA SER C 212 -8.26 24.41 -17.76
C SER C 212 -9.61 23.76 -17.44
N SER C 213 -9.83 23.46 -16.17
CA SER C 213 -10.97 22.65 -15.70
C SER C 213 -11.17 21.41 -16.56
N THR C 214 -10.09 20.73 -16.91
CA THR C 214 -10.18 19.46 -17.65
C THR C 214 -10.22 18.27 -16.70
N LYS C 215 -11.16 17.39 -16.95
CA LYS C 215 -11.23 16.14 -16.24
C LYS C 215 -11.63 15.15 -17.30
N VAL C 216 -10.71 14.28 -17.70
CA VAL C 216 -11.06 13.25 -18.70
C VAL C 216 -10.68 11.81 -18.30
N ASP C 217 -11.37 10.83 -18.87
CA ASP C 217 -11.07 9.40 -18.66
C ASP C 217 -10.67 8.80 -20.00
N LYS C 218 -9.56 8.04 -20.02
CA LYS C 218 -9.10 7.40 -21.25
C LYS C 218 -8.99 5.88 -21.05
N LYS C 219 -9.88 5.11 -21.70
CA LYS C 219 -9.82 3.66 -21.65
C LYS C 219 -8.66 3.14 -22.52
N ILE C 220 -7.89 2.20 -21.96
CA ILE C 220 -6.81 1.53 -22.73
C ILE C 220 -7.30 0.22 -23.32
N GLU C 221 -7.56 0.22 -24.63
CA GLU C 221 -8.00 -0.99 -25.33
C GLU C 221 -6.85 -1.71 -26.00
N PRO C 222 -6.95 -3.03 -26.17
CA PRO C 222 -5.84 -3.81 -26.71
C PRO C 222 -5.69 -3.55 -28.22
N ARG C 223 -4.48 -3.69 -28.76
CA ARG C 223 -4.32 -3.56 -30.22
C ARG C 223 -3.76 -4.73 -31.00
N GLY C 224 -3.90 -5.92 -30.39
CA GLY C 224 -3.69 -7.23 -31.04
C GLY C 224 -3.74 -8.26 -29.93
N PRO C 225 -3.51 -9.53 -30.25
CA PRO C 225 -3.44 -10.61 -29.24
C PRO C 225 -2.53 -10.28 -28.07
N GLY D 1 13.56 -3.50 15.00
CA GLY D 1 14.82 -3.33 15.77
C GLY D 1 15.51 -4.60 16.26
N ILE D 2 14.85 -5.33 17.14
CA ILE D 2 15.45 -6.45 17.87
C ILE D 2 14.67 -7.79 17.72
N VAL D 3 15.33 -8.81 17.16
CA VAL D 3 14.65 -10.03 16.69
C VAL D 3 14.47 -11.13 17.76
N MET D 4 13.34 -11.83 17.73
CA MET D 4 13.05 -12.90 18.68
C MET D 4 12.76 -14.26 18.01
N THR D 5 13.72 -15.17 18.06
CA THR D 5 13.58 -16.45 17.36
C THR D 5 13.13 -17.59 18.28
N GLN D 6 12.04 -18.25 17.88
CA GLN D 6 11.36 -19.25 18.67
C GLN D 6 11.39 -20.60 17.97
N THR D 7 12.18 -21.54 18.49
CA THR D 7 12.24 -22.90 17.93
C THR D 7 11.70 -23.99 18.87
N PRO D 8 11.10 -25.04 18.30
CA PRO D 8 10.81 -25.11 16.87
C PRO D 8 9.45 -24.50 16.57
N ALA D 9 9.05 -24.53 15.30
CA ALA D 9 7.75 -23.98 14.91
C ALA D 9 6.62 -24.90 15.38
N SER D 10 6.89 -26.21 15.40
CA SER D 10 5.90 -27.24 15.70
C SER D 10 6.55 -28.30 16.59
N GLN D 11 5.84 -28.71 17.62
CA GLN D 11 6.37 -29.68 18.57
C GLN D 11 5.38 -30.80 18.85
N SER D 12 5.83 -32.04 18.70
CA SER D 12 4.99 -33.20 19.01
C SER D 12 5.25 -33.70 20.42
N ALA D 13 4.18 -34.08 21.12
CA ALA D 13 4.31 -34.72 22.45
C ALA D 13 3.08 -35.56 22.81
N SER D 14 3.10 -36.13 24.01
CA SER D 14 2.02 -36.96 24.51
C SER D 14 1.52 -36.45 25.86
N LEU D 15 0.35 -36.95 26.28
CA LEU D 15 -0.22 -36.64 27.59
C LEU D 15 0.70 -37.11 28.73
N GLY D 16 0.96 -36.23 29.70
CA GLY D 16 1.79 -36.58 30.84
C GLY D 16 3.29 -36.37 30.69
N GLU D 17 3.71 -36.00 29.48
CA GLU D 17 5.12 -35.75 29.16
C GLU D 17 5.45 -34.28 29.36
N SER D 18 6.73 -33.95 29.58
CA SER D 18 7.16 -32.55 29.58
C SER D 18 7.75 -32.08 28.25
N VAL D 19 7.57 -30.79 27.94
CA VAL D 19 8.18 -30.16 26.76
C VAL D 19 8.88 -28.87 27.15
N THR D 20 9.88 -28.49 26.35
CA THR D 20 10.60 -27.24 26.55
C THR D 20 10.67 -26.48 25.24
N ILE D 21 10.30 -25.19 25.28
CA ILE D 21 10.36 -24.30 24.10
C ILE D 21 11.45 -23.27 24.34
N THR D 22 12.23 -22.95 23.32
CA THR D 22 13.22 -21.90 23.42
C THR D 22 12.78 -20.60 22.79
N CYS D 23 13.51 -19.54 23.11
CA CYS D 23 13.34 -18.21 22.55
C CYS D 23 14.69 -17.52 22.68
N LEU D 24 15.29 -17.19 21.53
CA LEU D 24 16.58 -16.50 21.52
C LEU D 24 16.41 -15.06 21.06
N ALA D 25 16.87 -14.14 21.89
CA ALA D 25 16.81 -12.71 21.59
C ALA D 25 18.04 -12.31 20.80
N SER D 26 17.88 -11.30 19.95
CA SER D 26 18.97 -10.81 19.10
C SER D 26 20.02 -10.03 19.92
N GLN D 27 19.55 -9.27 20.91
CA GLN D 27 20.41 -8.52 21.82
C GLN D 27 20.13 -8.94 23.26
N THR D 28 20.89 -8.42 24.21
CA THR D 28 20.60 -8.67 25.63
C THR D 28 19.30 -7.95 26.00
N ILE D 29 18.39 -8.72 26.60
CA ILE D 29 17.04 -8.24 26.89
C ILE D 29 16.75 -8.17 28.39
N GLY D 30 17.77 -8.46 29.21
CA GLY D 30 17.66 -8.49 30.66
C GLY D 30 16.78 -9.65 31.12
N THR D 31 15.66 -9.31 31.76
CA THR D 31 14.59 -10.25 32.11
C THR D 31 13.24 -9.69 31.65
N TRP D 32 13.28 -8.57 30.93
CA TRP D 32 12.07 -8.00 30.34
C TRP D 32 11.53 -8.91 29.25
N LEU D 33 10.98 -10.07 29.65
CA LEU D 33 10.44 -11.06 28.70
C LEU D 33 9.21 -11.75 29.28
N ALA D 34 8.22 -12.01 28.43
CA ALA D 34 6.94 -12.62 28.81
C ALA D 34 6.56 -13.80 27.93
N TRP D 35 5.78 -14.74 28.48
CA TRP D 35 5.23 -15.84 27.69
C TRP D 35 3.71 -15.83 27.71
N TYR D 36 3.08 -16.06 26.54
CA TYR D 36 1.63 -16.04 26.35
C TYR D 36 1.12 -17.30 25.70
N GLN D 37 -0.06 -17.73 26.12
CA GLN D 37 -0.73 -18.84 25.46
C GLN D 37 -1.91 -18.29 24.66
N GLN D 38 -2.11 -18.83 23.46
CA GLN D 38 -3.30 -18.53 22.64
C GLN D 38 -3.99 -19.81 22.21
N LYS D 39 -5.24 -19.98 22.61
CA LYS D 39 -6.08 -21.10 22.15
C LYS D 39 -6.74 -20.68 20.84
N PRO D 40 -7.16 -21.65 20.00
CA PRO D 40 -7.81 -21.35 18.72
C PRO D 40 -9.05 -20.43 18.81
N GLY D 41 -9.00 -19.29 18.15
CA GLY D 41 -10.11 -18.35 18.13
C GLY D 41 -10.19 -17.38 19.30
N LYS D 42 -9.14 -17.38 20.13
CA LYS D 42 -9.17 -16.62 21.38
C LYS D 42 -7.99 -15.64 21.44
N SER D 43 -8.00 -14.74 22.42
CA SER D 43 -6.89 -13.81 22.56
C SER D 43 -5.78 -14.38 23.41
N PRO D 44 -4.55 -13.90 23.17
CA PRO D 44 -3.42 -14.26 24.00
C PRO D 44 -3.70 -14.06 25.48
N GLN D 45 -3.03 -14.86 26.31
CA GLN D 45 -3.16 -14.83 27.76
C GLN D 45 -1.77 -14.97 28.36
N LEU D 46 -1.44 -14.08 29.29
CA LEU D 46 -0.14 -14.07 29.95
C LEU D 46 0.05 -15.29 30.88
N LEU D 47 1.20 -15.94 30.76
CA LEU D 47 1.54 -17.05 31.62
C LEU D 47 2.70 -16.73 32.56
N ILE D 48 3.76 -16.17 31.99
CA ILE D 48 5.01 -15.89 32.71
C ILE D 48 5.46 -14.46 32.40
N TYR D 49 5.85 -13.71 33.43
CA TYR D 49 6.45 -12.39 33.21
C TYR D 49 7.81 -12.31 33.91
N ALA D 50 8.61 -11.31 33.55
CA ALA D 50 9.95 -11.15 34.11
C ALA D 50 10.81 -12.45 34.03
N ALA D 51 10.69 -13.13 32.89
CA ALA D 51 11.39 -14.38 32.57
C ALA D 51 10.95 -15.63 33.37
N THR D 52 10.78 -15.48 34.69
CA THR D 52 10.62 -16.64 35.58
C THR D 52 9.39 -16.59 36.51
N SER D 53 8.59 -15.52 36.44
CA SER D 53 7.49 -15.34 37.38
C SER D 53 6.15 -15.84 36.82
N LEU D 54 5.44 -16.68 37.57
CA LEU D 54 4.12 -17.16 37.17
C LEU D 54 3.02 -16.10 37.38
N ALA D 55 2.23 -15.83 36.35
CA ALA D 55 1.08 -14.95 36.46
C ALA D 55 0.03 -15.57 37.38
N ASP D 56 -0.80 -14.73 38.00
CA ASP D 56 -1.78 -15.16 39.00
C ASP D 56 -2.82 -16.15 38.50
N GLY D 57 -3.04 -17.22 39.27
CA GLY D 57 -4.02 -18.23 38.92
C GLY D 57 -3.59 -19.22 37.84
N VAL D 58 -2.40 -19.04 37.27
CA VAL D 58 -1.85 -19.97 36.28
C VAL D 58 -1.33 -21.26 36.97
N PRO D 59 -1.61 -22.45 36.43
CA PRO D 59 -1.20 -23.71 37.07
C PRO D 59 0.32 -23.93 37.18
N SER D 60 0.69 -24.70 38.19
CA SER D 60 2.08 -25.02 38.55
C SER D 60 2.95 -25.65 37.45
N ARG D 61 2.33 -26.43 36.57
CA ARG D 61 3.02 -27.09 35.47
C ARG D 61 3.87 -26.17 34.58
N PHE D 62 3.40 -24.93 34.40
CA PHE D 62 4.07 -23.92 33.58
C PHE D 62 5.22 -23.24 34.33
N SER D 63 6.33 -23.03 33.65
CA SER D 63 7.49 -22.40 34.24
C SER D 63 8.31 -21.74 33.16
N GLY D 64 9.19 -20.83 33.55
CA GLY D 64 10.07 -20.16 32.63
C GLY D 64 11.46 -20.01 33.20
N SER D 65 12.45 -19.94 32.31
CA SER D 65 13.84 -19.75 32.75
C SER D 65 14.68 -18.96 31.75
N GLY D 66 15.75 -18.36 32.27
CA GLY D 66 16.72 -17.64 31.47
C GLY D 66 16.80 -16.17 31.77
N SER D 67 17.83 -15.53 31.22
CA SER D 67 18.07 -14.09 31.31
C SER D 67 19.23 -13.77 30.37
N GLY D 68 19.27 -12.52 29.86
CA GLY D 68 20.21 -12.15 28.82
C GLY D 68 19.61 -12.32 27.42
N THR D 69 19.93 -13.43 26.76
CA THR D 69 19.43 -13.72 25.40
C THR D 69 18.73 -15.07 25.32
N LYS D 70 19.14 -16.01 26.17
CA LYS D 70 18.66 -17.40 26.06
C LYS D 70 17.55 -17.66 27.08
N PHE D 71 16.36 -17.99 26.57
CA PHE D 71 15.15 -18.14 27.38
C PHE D 71 14.44 -19.45 27.10
N SER D 72 13.82 -20.03 28.13
CA SER D 72 13.01 -21.24 27.93
C SER D 72 11.68 -21.23 28.68
N PHE D 73 10.74 -21.98 28.11
CA PHE D 73 9.39 -22.20 28.64
C PHE D 73 9.15 -23.70 28.76
N LYS D 74 8.79 -24.16 29.95
CA LYS D 74 8.54 -25.58 30.19
C LYS D 74 7.11 -25.83 30.67
N ILE D 75 6.52 -26.92 30.19
CA ILE D 75 5.31 -27.52 30.75
C ILE D 75 5.67 -28.93 31.23
N SER D 76 5.38 -29.25 32.49
CA SER D 76 5.90 -30.48 33.12
C SER D 76 5.08 -31.79 32.96
N SER D 77 3.75 -31.69 32.83
CA SER D 77 2.93 -32.86 32.42
C SER D 77 1.73 -32.31 31.71
N LEU D 78 1.66 -32.65 30.42
CA LEU D 78 0.72 -32.03 29.50
C LEU D 78 -0.67 -32.59 29.67
N GLN D 79 -1.66 -31.70 29.55
CA GLN D 79 -3.06 -32.10 29.51
C GLN D 79 -3.60 -31.70 28.16
N ALA D 80 -4.72 -32.32 27.78
CA ALA D 80 -5.42 -32.03 26.54
C ALA D 80 -5.47 -30.54 26.15
N GLU D 81 -5.72 -29.67 27.12
CA GLU D 81 -5.84 -28.22 26.89
C GLU D 81 -4.55 -27.53 26.47
N ASP D 82 -3.40 -28.16 26.72
CA ASP D 82 -2.11 -27.49 26.56
C ASP D 82 -1.60 -27.45 25.12
N PHE D 83 -2.19 -28.28 24.26
CA PHE D 83 -1.72 -28.45 22.89
C PHE D 83 -2.23 -27.33 21.98
N VAL D 84 -1.75 -26.12 22.24
CA VAL D 84 -2.14 -24.93 21.48
C VAL D 84 -0.89 -24.10 21.13
N SER D 85 -1.03 -22.80 20.93
CA SER D 85 0.11 -21.98 20.54
C SER D 85 0.70 -21.20 21.71
N TYR D 86 2.00 -20.90 21.63
CA TYR D 86 2.71 -20.17 22.67
C TYR D 86 3.63 -19.12 22.04
N TYR D 87 3.69 -17.93 22.63
CA TYR D 87 4.50 -16.84 22.09
C TYR D 87 5.34 -16.22 23.18
N CYS D 88 6.62 -15.99 22.91
CA CYS D 88 7.41 -15.14 23.79
C CYS D 88 7.31 -13.70 23.29
N GLN D 89 7.62 -12.75 24.17
CA GLN D 89 7.64 -11.33 23.82
C GLN D 89 8.70 -10.57 24.60
N GLN D 90 9.47 -9.78 23.87
CA GLN D 90 10.49 -8.94 24.42
C GLN D 90 9.87 -7.60 24.90
N LEU D 91 10.17 -7.19 26.13
CA LEU D 91 9.63 -5.91 26.62
C LEU D 91 10.69 -4.90 27.11
N SER D 92 11.87 -4.98 26.52
CA SER D 92 12.98 -4.07 26.86
C SER D 92 12.97 -2.76 26.05
N SER D 93 12.76 -2.83 24.74
CA SER D 93 12.72 -1.63 23.91
C SER D 93 11.84 -1.80 22.68
N THR D 94 11.23 -0.70 22.25
CA THR D 94 10.33 -0.71 21.09
C THR D 94 11.07 -0.98 19.77
N PRO D 95 10.43 -1.69 18.83
CA PRO D 95 9.11 -2.31 19.04
C PRO D 95 9.19 -3.59 19.89
N TYR D 96 8.17 -3.84 20.71
CA TYR D 96 8.14 -4.99 21.61
C TYR D 96 7.85 -6.29 20.87
N THR D 97 8.86 -6.81 20.17
CA THR D 97 8.69 -7.97 19.27
C THR D 97 8.20 -9.21 19.98
N PHE D 98 7.28 -9.91 19.33
CA PHE D 98 6.89 -11.27 19.70
C PHE D 98 7.72 -12.28 18.91
N GLY D 99 7.92 -13.47 19.49
CA GLY D 99 8.44 -14.62 18.76
C GLY D 99 7.45 -15.09 17.71
N GLY D 100 7.89 -15.96 16.81
CA GLY D 100 7.05 -16.44 15.72
C GLY D 100 6.09 -17.53 16.16
N GLY D 101 6.17 -17.92 17.43
CA GLY D 101 5.26 -18.89 18.04
C GLY D 101 5.54 -20.37 17.81
N THR D 102 5.02 -21.19 18.72
CA THR D 102 5.12 -22.64 18.63
C THR D 102 3.73 -23.27 18.88
N LYS D 103 3.32 -24.23 18.05
CA LYS D 103 2.15 -25.05 18.32
C LYS D 103 2.51 -26.45 18.79
N LEU D 104 1.94 -26.84 19.92
CA LEU D 104 2.10 -28.18 20.46
C LEU D 104 1.01 -29.08 19.85
N GLU D 105 1.41 -30.26 19.35
CA GLU D 105 0.44 -31.21 18.75
C GLU D 105 0.59 -32.62 19.33
N ILE D 106 -0.44 -33.44 19.23
CA ILE D 106 -0.41 -34.73 19.90
C ILE D 106 0.19 -35.78 18.98
N LYS D 107 1.13 -36.57 19.51
CA LYS D 107 1.79 -37.62 18.76
C LYS D 107 0.85 -38.80 18.58
N ARG D 108 0.90 -39.43 17.42
CA ARG D 108 0.14 -40.65 17.17
C ARG D 108 0.90 -41.47 16.12
N ALA D 109 0.44 -42.69 15.84
CA ALA D 109 1.12 -43.54 14.85
C ALA D 109 0.85 -42.97 13.45
N ASP D 110 1.81 -43.12 12.53
CA ASP D 110 1.64 -42.64 11.16
C ASP D 110 0.38 -43.22 10.49
N ALA D 111 -0.27 -42.43 9.65
CA ALA D 111 -1.43 -42.89 8.90
C ALA D 111 -1.46 -42.31 7.48
N ALA D 112 -1.48 -43.19 6.48
CA ALA D 112 -1.67 -42.77 5.09
C ALA D 112 -2.98 -41.99 4.85
N PRO D 113 -2.98 -40.97 3.99
CA PRO D 113 -4.21 -40.27 3.61
C PRO D 113 -5.19 -41.11 2.78
N THR D 114 -6.48 -40.95 3.05
CA THR D 114 -7.56 -41.51 2.21
C THR D 114 -7.92 -40.47 1.14
N VAL D 115 -7.67 -40.80 -0.14
CA VAL D 115 -7.78 -39.80 -1.22
C VAL D 115 -8.99 -40.08 -2.10
N SER D 116 -9.80 -39.03 -2.36
CA SER D 116 -11.01 -39.12 -3.18
C SER D 116 -11.11 -37.94 -4.13
N ILE D 117 -11.41 -38.24 -5.39
CA ILE D 117 -11.55 -37.24 -6.46
C ILE D 117 -13.01 -37.09 -6.99
N PHE D 118 -13.38 -35.87 -7.33
CA PHE D 118 -14.74 -35.58 -7.73
C PHE D 118 -14.72 -34.63 -8.91
N PRO D 119 -15.37 -35.02 -10.00
CA PRO D 119 -15.52 -34.15 -11.18
C PRO D 119 -16.50 -32.97 -10.92
N PRO D 120 -16.54 -32.01 -11.82
CA PRO D 120 -17.53 -30.94 -11.68
C PRO D 120 -18.96 -31.51 -11.72
N SER D 121 -19.88 -30.94 -10.96
CA SER D 121 -21.29 -31.36 -11.02
C SER D 121 -21.91 -30.77 -12.24
N SER D 122 -22.95 -31.41 -12.78
CA SER D 122 -23.69 -30.82 -13.90
C SER D 122 -24.25 -29.44 -13.53
N GLU D 123 -24.62 -29.27 -12.26
CA GLU D 123 -25.17 -28.02 -11.75
C GLU D 123 -24.19 -26.91 -11.97
N GLN D 124 -22.93 -27.11 -11.58
CA GLN D 124 -21.90 -26.09 -11.80
C GLN D 124 -21.63 -25.85 -13.29
N LEU D 125 -21.61 -26.91 -14.11
CA LEU D 125 -21.20 -26.81 -15.51
C LEU D 125 -22.21 -26.01 -16.34
N THR D 126 -23.50 -26.18 -16.04
CA THR D 126 -24.56 -25.36 -16.60
C THR D 126 -24.25 -23.85 -16.42
N SER D 127 -23.74 -23.49 -15.25
CA SER D 127 -23.39 -22.12 -14.93
C SER D 127 -22.09 -21.60 -15.58
N GLY D 128 -21.36 -22.45 -16.30
CA GLY D 128 -20.10 -22.04 -16.91
C GLY D 128 -18.81 -22.23 -16.10
N GLY D 129 -18.88 -22.83 -14.91
CA GLY D 129 -17.71 -23.15 -14.11
C GLY D 129 -17.41 -24.66 -14.08
N ALA D 130 -16.21 -25.01 -13.62
CA ALA D 130 -15.77 -26.39 -13.49
C ALA D 130 -14.73 -26.54 -12.39
N SER D 131 -15.18 -26.97 -11.23
CA SER D 131 -14.30 -27.27 -10.11
C SER D 131 -14.10 -28.79 -9.94
N VAL D 132 -12.84 -29.19 -9.88
CA VAL D 132 -12.45 -30.54 -9.57
C VAL D 132 -11.96 -30.55 -8.13
N VAL D 133 -12.53 -31.43 -7.31
CA VAL D 133 -12.19 -31.54 -5.89
C VAL D 133 -11.45 -32.84 -5.51
N CYS D 134 -10.48 -32.69 -4.59
CA CYS D 134 -9.78 -33.79 -3.97
C CYS D 134 -9.83 -33.68 -2.44
N PHE D 135 -10.27 -34.72 -1.77
CA PHE D 135 -10.16 -34.80 -0.33
C PHE D 135 -9.02 -35.76 0.02
N LEU D 136 -8.13 -35.31 0.91
CA LEU D 136 -7.05 -36.14 1.45
C LEU D 136 -7.27 -36.20 2.95
N ASN D 137 -7.85 -37.31 3.42
CA ASN D 137 -8.38 -37.39 4.79
C ASN D 137 -7.67 -38.29 5.81
N ASN D 138 -7.63 -37.84 7.06
CA ASN D 138 -7.17 -38.65 8.18
C ASN D 138 -5.72 -39.17 8.03
N PHE D 139 -4.81 -38.26 7.74
CA PHE D 139 -3.38 -38.62 7.65
C PHE D 139 -2.59 -38.12 8.90
N TYR D 140 -1.41 -38.69 9.10
CA TYR D 140 -0.47 -38.27 10.13
C TYR D 140 0.90 -38.77 9.68
N PRO D 141 1.95 -37.94 9.80
CA PRO D 141 1.90 -36.56 10.30
C PRO D 141 1.34 -35.51 9.35
N LYS D 142 1.23 -34.28 9.84
CA LYS D 142 0.55 -33.18 9.16
C LYS D 142 1.19 -32.74 7.82
N ASP D 143 2.46 -33.05 7.61
CA ASP D 143 3.14 -32.62 6.39
C ASP D 143 2.70 -33.46 5.21
N ILE D 144 2.28 -32.78 4.14
CA ILE D 144 1.78 -33.41 2.93
C ILE D 144 1.94 -32.40 1.81
N ASN D 145 1.94 -32.86 0.57
CA ASN D 145 2.03 -31.97 -0.58
C ASN D 145 1.14 -32.53 -1.68
N VAL D 146 0.31 -31.68 -2.28
CA VAL D 146 -0.60 -32.10 -3.34
C VAL D 146 -0.25 -31.42 -4.67
N LYS D 147 -0.27 -32.24 -5.72
CA LYS D 147 0.00 -31.79 -7.09
C LYS D 147 -1.17 -32.16 -8.03
N TRP D 148 -1.64 -31.19 -8.79
CA TRP D 148 -2.66 -31.44 -9.82
C TRP D 148 -2.00 -31.68 -11.17
N LYS D 149 -2.52 -32.64 -11.93
CA LYS D 149 -2.12 -32.81 -13.31
C LYS D 149 -3.30 -32.88 -14.30
N ILE D 150 -3.12 -32.23 -15.46
CA ILE D 150 -4.09 -32.21 -16.55
C ILE D 150 -3.41 -32.77 -17.78
N ASP D 151 -3.97 -33.86 -18.32
CA ASP D 151 -3.32 -34.65 -19.38
C ASP D 151 -1.82 -34.88 -19.14
N GLY D 152 -1.43 -35.13 -17.90
CA GLY D 152 -0.03 -35.35 -17.57
C GLY D 152 0.84 -34.10 -17.36
N LYS D 153 0.23 -32.91 -17.41
CA LYS D 153 0.95 -31.66 -17.17
C LYS D 153 0.55 -31.03 -15.83
N GLU D 154 1.58 -30.75 -15.02
CA GLU D 154 1.44 -30.09 -13.72
C GLU D 154 0.74 -28.74 -13.86
N ARG D 155 -0.22 -28.49 -12.98
CA ARG D 155 -0.99 -27.28 -13.03
C ARG D 155 -1.11 -26.65 -11.63
N GLN D 156 -0.76 -25.36 -11.52
CA GLN D 156 -0.67 -24.63 -10.25
C GLN D 156 -1.73 -23.55 -10.15
N ASN D 157 -2.10 -22.96 -11.28
CA ASN D 157 -3.04 -21.86 -11.22
C ASN D 157 -4.49 -22.34 -11.10
N GLY D 158 -5.24 -21.69 -10.23
CA GLY D 158 -6.64 -22.02 -9.99
C GLY D 158 -6.87 -23.05 -8.88
N VAL D 159 -5.83 -23.32 -8.09
CA VAL D 159 -5.87 -24.30 -7.01
C VAL D 159 -6.07 -23.59 -5.66
N LEU D 160 -7.03 -24.09 -4.88
CA LEU D 160 -7.34 -23.55 -3.55
C LEU D 160 -7.33 -24.67 -2.51
N ASN D 161 -6.49 -24.47 -1.50
CA ASN D 161 -6.26 -25.45 -0.46
C ASN D 161 -6.77 -25.02 0.90
N SER D 162 -7.31 -25.97 1.65
CA SER D 162 -7.75 -25.70 3.01
C SER D 162 -7.43 -26.89 3.91
N TRP D 163 -7.01 -26.61 5.14
CA TRP D 163 -6.81 -27.67 6.09
C TRP D 163 -7.45 -27.56 7.46
N THR D 164 -7.79 -28.72 8.05
CA THR D 164 -8.40 -28.77 9.38
C THR D 164 -7.31 -28.80 10.44
N ASP D 165 -7.66 -28.43 11.66
CA ASP D 165 -6.78 -28.60 12.82
C ASP D 165 -6.70 -30.08 13.23
N GLN D 166 -5.74 -30.46 14.05
CA GLN D 166 -5.71 -31.84 14.55
C GLN D 166 -7.10 -32.33 15.07
N ASP D 167 -7.52 -33.54 14.69
CA ASP D 167 -8.78 -34.12 15.17
C ASP D 167 -8.77 -34.42 16.68
N SER D 168 -9.88 -34.14 17.36
CA SER D 168 -9.97 -34.21 18.84
C SER D 168 -10.08 -35.65 19.31
N LYS D 169 -10.66 -36.48 18.42
CA LYS D 169 -10.93 -37.90 18.61
C LYS D 169 -9.75 -38.78 18.18
N ASP D 170 -9.31 -38.68 16.92
CA ASP D 170 -8.26 -39.58 16.42
C ASP D 170 -6.84 -38.97 16.24
N SER D 171 -6.72 -37.64 16.39
CA SER D 171 -5.45 -36.91 16.28
C SER D 171 -4.88 -36.87 14.85
N THR D 172 -5.70 -37.10 13.83
CA THR D 172 -5.21 -36.98 12.45
C THR D 172 -5.44 -35.58 11.86
N TYR D 173 -4.95 -35.39 10.63
CA TYR D 173 -5.18 -34.17 9.85
C TYR D 173 -5.91 -34.48 8.54
N SER D 174 -6.61 -33.48 8.00
CA SER D 174 -7.23 -33.60 6.67
C SER D 174 -6.99 -32.38 5.75
N MET D 175 -7.13 -32.61 4.45
CA MET D 175 -6.90 -31.57 3.46
C MET D 175 -7.89 -31.67 2.31
N SER D 176 -8.31 -30.51 1.82
CA SER D 176 -9.17 -30.40 0.67
C SER D 176 -8.51 -29.48 -0.35
N SER D 177 -8.52 -29.92 -1.60
CA SER D 177 -7.84 -29.19 -2.66
C SER D 177 -8.78 -29.09 -3.85
N THR D 178 -9.05 -27.84 -4.28
CA THR D 178 -9.99 -27.56 -5.38
C THR D 178 -9.30 -26.89 -6.54
N LEU D 179 -9.41 -27.52 -7.70
CA LEU D 179 -8.93 -26.97 -8.96
C LEU D 179 -10.13 -26.41 -9.72
N THR D 180 -10.13 -25.10 -9.93
CA THR D 180 -11.23 -24.43 -10.62
C THR D 180 -10.79 -23.93 -12.00
N LEU D 181 -11.53 -24.33 -13.03
CA LEU D 181 -11.33 -23.82 -14.38
C LEU D 181 -12.66 -23.30 -14.93
N THR D 182 -12.61 -22.65 -16.10
CA THR D 182 -13.84 -22.42 -16.86
C THR D 182 -14.28 -23.75 -17.47
N LYS D 183 -15.57 -23.81 -17.76
CA LYS D 183 -16.17 -24.93 -18.46
C LYS D 183 -15.46 -25.19 -19.79
N ASP D 184 -15.26 -24.12 -20.56
CA ASP D 184 -14.60 -24.22 -21.85
C ASP D 184 -13.23 -24.86 -21.78
N GLU D 185 -12.43 -24.46 -20.80
CA GLU D 185 -11.10 -25.05 -20.63
C GLU D 185 -11.19 -26.50 -20.17
N TYR D 186 -12.15 -26.78 -19.29
CA TYR D 186 -12.34 -28.12 -18.76
C TYR D 186 -12.67 -29.15 -19.87
N GLU D 187 -13.50 -28.73 -20.83
CA GLU D 187 -13.95 -29.58 -21.96
C GLU D 187 -12.87 -29.82 -23.01
N ARG D 188 -11.70 -29.19 -22.86
CA ARG D 188 -10.64 -29.26 -23.87
C ARG D 188 -9.60 -30.31 -23.50
N HIS D 189 -9.72 -30.83 -22.28
CA HIS D 189 -8.78 -31.81 -21.75
C HIS D 189 -9.54 -33.01 -21.20
N ASN D 190 -8.83 -34.12 -21.00
CA ASN D 190 -9.44 -35.43 -20.75
C ASN D 190 -9.14 -36.06 -19.37
N SER D 191 -7.88 -36.12 -18.99
CA SER D 191 -7.49 -36.76 -17.74
C SER D 191 -7.18 -35.75 -16.63
N TYR D 192 -7.81 -35.96 -15.48
CA TYR D 192 -7.58 -35.11 -14.31
C TYR D 192 -7.04 -35.97 -13.17
N THR D 193 -5.94 -35.53 -12.55
CA THR D 193 -5.25 -36.24 -11.49
C THR D 193 -4.88 -35.35 -10.28
N CYS D 194 -5.11 -35.85 -9.07
CA CYS D 194 -4.45 -35.26 -7.92
C CYS D 194 -3.47 -36.28 -7.30
N GLU D 195 -2.30 -35.81 -6.91
CA GLU D 195 -1.22 -36.66 -6.40
C GLU D 195 -0.72 -36.17 -5.06
N ALA D 196 -0.85 -37.04 -4.06
CA ALA D 196 -0.45 -36.72 -2.70
C ALA D 196 0.92 -37.36 -2.40
N THR D 197 1.86 -36.56 -1.92
CA THR D 197 3.12 -37.08 -1.43
C THR D 197 3.07 -36.97 0.08
N HIS D 198 3.38 -38.09 0.71
CA HIS D 198 3.31 -38.21 2.16
C HIS D 198 4.35 -39.24 2.62
N LYS D 199 4.82 -39.06 3.85
CA LYS D 199 5.85 -39.90 4.47
C LYS D 199 5.52 -41.42 4.43
N THR D 200 4.24 -41.73 4.52
CA THR D 200 3.81 -43.13 4.58
C THR D 200 3.92 -43.91 3.24
N SER D 201 4.26 -43.25 2.15
CA SER D 201 4.40 -43.96 0.87
C SER D 201 5.58 -43.45 0.03
N THR D 202 6.38 -44.36 -0.52
CA THR D 202 7.52 -43.93 -1.34
C THR D 202 7.03 -43.29 -2.65
N SER D 203 6.09 -43.97 -3.31
CA SER D 203 5.39 -43.44 -4.48
C SER D 203 4.17 -42.56 -4.13
N PRO D 204 3.77 -41.63 -5.00
CA PRO D 204 2.61 -40.75 -4.73
C PRO D 204 1.30 -41.53 -4.68
N ILE D 205 0.43 -41.16 -3.73
CA ILE D 205 -0.93 -41.66 -3.67
C ILE D 205 -1.76 -40.79 -4.62
N VAL D 206 -2.25 -41.40 -5.70
CA VAL D 206 -2.97 -40.66 -6.77
C VAL D 206 -4.39 -41.14 -7.08
N LYS D 207 -5.31 -40.21 -7.30
CA LYS D 207 -6.61 -40.55 -7.83
C LYS D 207 -6.84 -39.78 -9.09
N SER D 208 -7.60 -40.39 -9.99
CA SER D 208 -7.72 -39.82 -11.30
C SER D 208 -9.07 -40.13 -11.94
N PHE D 209 -9.44 -39.36 -12.97
CA PHE D 209 -10.59 -39.69 -13.83
C PHE D 209 -10.44 -39.09 -15.21
N ASN D 210 -11.06 -39.75 -16.19
CA ASN D 210 -11.10 -39.25 -17.55
C ASN D 210 -12.47 -38.63 -17.80
N ARG D 211 -12.51 -37.40 -18.32
CA ARG D 211 -13.77 -36.69 -18.56
C ARG D 211 -14.69 -37.45 -19.53
N ASN D 212 -14.17 -38.06 -20.48
N GLY E 1 33.23 33.60 -3.87
CA GLY E 1 34.46 33.75 -3.01
C GLY E 1 35.04 32.46 -2.44
N ILE E 2 34.31 31.77 -1.57
CA ILE E 2 34.82 30.64 -0.77
C ILE E 2 34.00 29.33 -0.95
N VAL E 3 34.67 28.27 -1.42
CA VAL E 3 33.99 27.06 -1.93
C VAL E 3 33.76 25.97 -0.89
N MET E 4 32.59 25.32 -0.94
CA MET E 4 32.21 24.29 0.04
C MET E 4 31.93 22.96 -0.66
N THR E 5 32.84 22.00 -0.48
CA THR E 5 32.69 20.71 -1.13
C THR E 5 32.13 19.62 -0.21
N GLN E 6 31.06 18.98 -0.67
CA GLN E 6 30.32 18.03 0.12
C GLN E 6 30.35 16.65 -0.54
N THR E 7 31.10 15.71 0.03
CA THR E 7 31.11 14.34 -0.49
C THR E 7 30.50 13.30 0.47
N PRO E 8 29.94 12.23 -0.10
CA PRO E 8 29.73 12.12 -1.54
C PRO E 8 28.37 12.71 -1.94
N ALA E 9 28.05 12.67 -3.23
CA ALA E 9 26.79 13.24 -3.70
C ALA E 9 25.61 12.37 -3.27
N SER E 10 25.85 11.05 -3.24
CA SER E 10 24.82 10.06 -2.92
C SER E 10 25.37 9.02 -1.95
N GLN E 11 24.58 8.67 -0.94
CA GLN E 11 25.03 7.71 0.06
C GLN E 11 24.00 6.64 0.34
N SER E 12 24.40 5.38 0.22
CA SER E 12 23.53 4.26 0.52
C SER E 12 23.71 3.77 1.95
N ALA E 13 22.60 3.49 2.63
CA ALA E 13 22.65 2.86 3.96
C ALA E 13 21.37 2.08 4.28
N SER E 14 21.33 1.50 5.47
CA SER E 14 20.18 0.72 5.96
C SER E 14 19.64 1.26 7.29
N LEU E 15 18.42 0.84 7.63
CA LEU E 15 17.80 1.19 8.91
C LEU E 15 18.65 0.75 10.11
N GLY E 16 18.85 1.64 11.08
CA GLY E 16 19.63 1.35 12.27
C GLY E 16 21.14 1.50 12.15
N GLU E 17 21.62 1.76 10.94
CA GLU E 17 23.05 1.97 10.70
C GLU E 17 23.40 3.43 10.92
N SER E 18 24.69 3.73 11.07
CA SER E 18 25.13 5.12 11.13
C SER E 18 25.88 5.54 9.87
N VAL E 19 25.76 6.82 9.51
CA VAL E 19 26.44 7.38 8.34
C VAL E 19 27.14 8.67 8.70
N THR E 20 28.21 8.99 7.98
CA THR E 20 28.95 10.23 8.15
C THR E 20 29.07 10.93 6.81
N ILE E 21 28.70 12.21 6.75
CA ILE E 21 28.88 13.10 5.59
C ILE E 21 29.98 14.11 5.91
N THR E 22 30.86 14.36 4.93
CA THR E 22 31.89 15.40 5.07
C THR E 22 31.50 16.71 4.38
N CYS E 23 32.26 17.75 4.69
CA CYS E 23 32.17 19.05 4.07
C CYS E 23 33.53 19.71 4.26
N LEU E 24 34.21 19.98 3.14
CA LEU E 24 35.50 20.66 3.18
C LEU E 24 35.42 22.11 2.68
N ALA E 25 35.80 23.04 3.54
CA ALA E 25 35.82 24.44 3.18
C ALA E 25 37.12 24.78 2.43
N SER E 26 37.02 25.74 1.53
CA SER E 26 38.15 26.25 0.76
C SER E 26 39.17 27.02 1.62
N GLN E 27 38.68 27.77 2.61
CA GLN E 27 39.51 28.56 3.53
C GLN E 27 39.16 28.17 4.95
N THR E 28 39.93 28.66 5.93
CA THR E 28 39.56 28.48 7.34
C THR E 28 38.27 29.25 7.60
N ILE E 29 37.29 28.54 8.16
CA ILE E 29 35.95 29.05 8.37
C ILE E 29 35.55 29.15 9.88
N GLY E 30 36.52 28.94 10.76
CA GLY E 30 36.31 28.87 12.20
C GLY E 30 35.35 27.74 12.54
N THR E 31 34.20 28.11 13.12
CA THR E 31 33.12 27.20 13.45
C THR E 31 31.84 27.83 12.94
N TRP E 32 31.96 28.89 12.14
CA TRP E 32 30.80 29.51 11.49
C TRP E 32 30.26 28.56 10.39
N LEU E 33 29.64 27.47 10.82
CA LEU E 33 29.17 26.42 9.91
C LEU E 33 27.88 25.77 10.42
N ALA E 34 26.94 25.58 9.51
CA ALA E 34 25.61 25.06 9.83
C ALA E 34 25.27 23.85 8.94
N TRP E 35 24.47 22.92 9.49
CA TRP E 35 23.88 21.83 8.67
C TRP E 35 22.33 21.91 8.64
N TYR E 36 21.76 21.68 7.45
CA TYR E 36 20.31 21.70 7.19
C TYR E 36 19.81 20.41 6.56
N GLN E 37 18.57 20.06 6.90
CA GLN E 37 17.91 18.94 6.25
C GLN E 37 16.84 19.48 5.28
N GLN E 38 16.68 18.83 4.14
CA GLN E 38 15.58 19.16 3.27
C GLN E 38 14.83 17.91 2.80
N LYS E 39 13.59 17.76 3.24
CA LYS E 39 12.71 16.70 2.76
C LYS E 39 12.11 17.10 1.41
N PRO E 40 11.68 16.12 0.59
CA PRO E 40 11.11 16.42 -0.74
C PRO E 40 9.89 17.38 -0.73
N GLY E 41 9.99 18.47 -1.48
CA GLY E 41 8.92 19.47 -1.58
C GLY E 41 8.81 20.44 -0.39
N LYS E 42 9.80 20.41 0.50
CA LYS E 42 9.76 21.22 1.73
C LYS E 42 10.93 22.18 1.80
N SER E 43 10.95 23.11 2.75
CA SER E 43 12.11 23.99 2.90
C SER E 43 13.16 23.38 3.80
N PRO E 44 14.41 23.80 3.60
CA PRO E 44 15.49 23.42 4.53
C PRO E 44 15.09 23.71 6.00
N GLN E 45 15.71 22.96 6.92
CA GLN E 45 15.48 23.08 8.34
C GLN E 45 16.87 22.92 8.99
N LEU E 46 17.23 23.84 9.88
CA LEU E 46 18.48 23.80 10.64
C LEU E 46 18.51 22.61 11.62
N LEU E 47 19.63 21.88 11.60
CA LEU E 47 19.88 20.76 12.53
C LEU E 47 21.02 21.08 13.49
N ILE E 48 22.11 21.63 12.94
CA ILE E 48 23.36 21.88 13.68
C ILE E 48 23.84 23.27 13.32
N TYR E 49 24.21 24.05 14.33
CA TYR E 49 24.89 25.36 14.14
C TYR E 49 26.21 25.38 14.93
N ALA E 50 27.09 26.31 14.58
CA ALA E 50 28.37 26.49 15.27
C ALA E 50 29.19 25.20 15.28
N ALA E 51 29.07 24.48 14.15
CA ALA E 51 29.74 23.20 13.88
C ALA E 51 29.25 22.00 14.68
N THR E 52 28.93 22.20 15.96
CA THR E 52 28.74 21.08 16.89
C THR E 52 27.46 21.16 17.70
N SER E 53 26.75 22.29 17.62
CA SER E 53 25.60 22.56 18.50
C SER E 53 24.26 22.09 17.87
N LEU E 54 23.50 21.27 18.59
CA LEU E 54 22.20 20.79 18.12
C LEU E 54 21.13 21.86 18.28
N ALA E 55 20.41 22.14 17.20
CA ALA E 55 19.26 23.09 17.26
C ALA E 55 18.12 22.54 18.12
N ASP E 56 17.29 23.45 18.65
CA ASP E 56 16.27 23.05 19.64
C ASP E 56 15.24 22.07 19.10
N GLY E 57 14.93 21.04 19.89
CA GLY E 57 13.96 20.03 19.52
C GLY E 57 14.39 19.03 18.46
N VAL E 58 15.66 19.11 18.02
CA VAL E 58 16.24 18.14 17.07
C VAL E 58 16.71 16.88 17.81
N PRO E 59 16.37 15.67 17.30
CA PRO E 59 16.71 14.41 17.97
C PRO E 59 18.21 14.13 18.19
N SER E 60 18.53 13.52 19.33
CA SER E 60 19.90 13.10 19.70
C SER E 60 20.78 12.37 18.65
N ARG E 61 20.17 11.58 17.77
CA ARG E 61 20.91 10.86 16.72
C ARG E 61 21.82 11.74 15.84
N PHE E 62 21.39 12.98 15.61
CA PHE E 62 22.13 13.96 14.79
C PHE E 62 23.27 14.56 15.58
N SER E 63 24.43 14.69 14.94
CA SER E 63 25.58 15.37 15.54
C SER E 63 26.49 15.92 14.44
N GLY E 64 27.33 16.89 14.83
CA GLY E 64 28.33 17.46 13.94
C GLY E 64 29.67 17.62 14.64
N SER E 65 30.72 17.69 13.83
CA SER E 65 32.08 17.85 14.36
C SER E 65 32.99 18.57 13.39
N GLY E 66 34.06 19.13 13.93
CA GLY E 66 35.09 19.79 13.15
C GLY E 66 35.21 21.27 13.42
N SER E 67 36.24 21.87 12.83
CA SER E 67 36.52 23.30 12.91
C SER E 67 37.75 23.55 12.01
N GLY E 68 37.88 24.77 11.51
CA GLY E 68 38.91 25.09 10.54
C GLY E 68 38.36 24.89 9.13
N THR E 69 38.71 23.76 8.51
CA THR E 69 38.27 23.44 7.14
C THR E 69 37.55 22.10 7.03
N LYS E 70 37.87 21.16 7.92
CA LYS E 70 37.29 19.82 7.86
C LYS E 70 36.10 19.65 8.80
N PHE E 71 34.95 19.27 8.23
CA PHE E 71 33.71 19.19 9.00
C PHE E 71 32.94 17.93 8.72
N SER E 72 32.30 17.34 9.73
CA SER E 72 31.46 16.17 9.51
C SER E 72 30.10 16.24 10.19
N PHE E 73 29.16 15.49 9.63
CA PHE E 73 27.78 15.38 10.10
C PHE E 73 27.48 13.90 10.21
N LYS E 74 27.02 13.49 11.40
CA LYS E 74 26.72 12.09 11.67
C LYS E 74 25.27 11.88 12.11
N ILE E 75 24.66 10.81 11.59
CA ILE E 75 23.41 10.24 12.12
C ILE E 75 23.68 8.83 12.66
N SER E 76 23.29 8.56 13.90
CA SER E 76 23.76 7.36 14.59
C SER E 76 22.93 6.08 14.44
N SER E 77 21.61 6.22 14.26
CA SER E 77 20.78 5.07 13.84
C SER E 77 19.63 5.56 13.00
N LEU E 78 19.69 5.22 11.73
CA LEU E 78 18.80 5.78 10.71
C LEU E 78 17.36 5.30 10.80
N GLN E 79 16.42 6.24 10.71
CA GLN E 79 15.00 5.92 10.56
C GLN E 79 14.54 6.27 9.15
N ALA E 80 13.45 5.66 8.72
CA ALA E 80 12.82 5.92 7.42
C ALA E 80 12.82 7.39 6.99
N GLU E 81 12.55 8.29 7.94
CA GLU E 81 12.47 9.74 7.70
C GLU E 81 13.79 10.40 7.31
N ASP E 82 14.90 9.72 7.59
CA ASP E 82 16.22 10.32 7.51
C ASP E 82 16.80 10.33 6.14
N PHE E 83 16.21 9.55 5.24
CA PHE E 83 16.76 9.29 3.90
C PHE E 83 16.34 10.39 2.91
N VAL E 84 16.89 11.58 3.14
CA VAL E 84 16.56 12.76 2.37
C VAL E 84 17.85 13.53 2.07
N SER E 85 17.77 14.84 1.78
CA SER E 85 18.97 15.64 1.48
C SER E 85 19.49 16.47 2.67
N TYR E 86 20.81 16.67 2.70
CA TYR E 86 21.48 17.43 3.75
C TYR E 86 22.46 18.39 3.10
N TYR E 87 22.52 19.62 3.61
CA TYR E 87 23.39 20.66 3.11
C TYR E 87 24.22 21.25 4.26
N CYS E 88 25.52 21.45 4.03
CA CYS E 88 26.31 22.33 4.90
C CYS E 88 26.29 23.75 4.33
N GLN E 89 26.53 24.72 5.21
CA GLN E 89 26.63 26.14 4.85
C GLN E 89 27.69 26.85 5.68
N GLN E 90 28.51 27.61 4.99
CA GLN E 90 29.55 28.46 5.58
C GLN E 90 28.96 29.83 5.93
N LEU E 91 29.12 30.28 7.16
CA LEU E 91 28.58 31.60 7.56
C LEU E 91 29.66 32.59 8.08
N SER E 92 30.86 32.48 7.52
CA SER E 92 31.98 33.34 7.93
C SER E 92 32.10 34.61 7.10
N SER E 93 32.01 34.49 5.77
CA SER E 93 32.02 35.67 4.90
C SER E 93 31.23 35.50 3.61
N THR E 94 30.70 36.62 3.13
CA THR E 94 29.78 36.61 2.01
C THR E 94 30.53 36.33 0.70
N PRO E 95 29.91 35.60 -0.24
CA PRO E 95 28.57 35.03 -0.06
C PRO E 95 28.53 33.73 0.79
N TYR E 96 27.47 33.55 1.58
CA TYR E 96 27.37 32.42 2.51
C TYR E 96 27.06 31.06 1.81
N THR E 97 28.08 30.55 1.12
CA THR E 97 27.98 29.36 0.27
C THR E 97 27.43 28.15 1.01
N PHE E 98 26.52 27.45 0.30
CA PHE E 98 26.05 26.11 0.65
C PHE E 98 26.90 25.05 -0.05
N GLY E 99 27.03 23.88 0.59
CA GLY E 99 27.58 22.70 -0.06
C GLY E 99 26.65 22.24 -1.17
N GLY E 100 27.12 21.31 -2.01
CA GLY E 100 26.33 20.80 -3.12
C GLY E 100 25.28 19.78 -2.70
N GLY E 101 25.26 19.41 -1.41
CA GLY E 101 24.26 18.51 -0.87
C GLY E 101 24.52 17.01 -1.02
N THR E 102 24.01 16.22 -0.08
CA THR E 102 24.06 14.77 -0.12
C THR E 102 22.65 14.21 0.09
N LYS E 103 22.27 13.21 -0.72
CA LYS E 103 21.03 12.45 -0.52
C LYS E 103 21.29 11.05 0.02
N LEU E 104 20.64 10.72 1.12
CA LEU E 104 20.71 9.40 1.70
C LEU E 104 19.64 8.52 1.02
N GLU E 105 20.02 7.35 0.54
CA GLU E 105 19.06 6.40 -0.04
C GLU E 105 19.17 5.04 0.66
N ILE E 106 18.14 4.20 0.51
CA ILE E 106 18.09 2.90 1.18
C ILE E 106 18.69 1.78 0.32
N LYS E 107 19.57 0.99 0.94
CA LYS E 107 20.23 -0.08 0.23
C LYS E 107 19.28 -1.27 0.02
N ARG E 108 19.39 -1.91 -1.13
CA ARG E 108 18.62 -3.12 -1.38
C ARG E 108 19.41 -4.00 -2.34
N ALA E 109 18.88 -5.18 -2.67
CA ALA E 109 19.52 -6.07 -3.63
C ALA E 109 19.35 -5.53 -5.05
N ASP E 110 20.34 -5.79 -5.89
CA ASP E 110 20.30 -5.31 -7.27
C ASP E 110 19.06 -5.90 -7.97
N ALA E 111 18.48 -5.14 -8.88
CA ALA E 111 17.32 -5.56 -9.64
C ALA E 111 17.38 -4.96 -11.05
N ALA E 112 17.23 -5.82 -12.08
CA ALA E 112 17.24 -5.37 -13.47
C ALA E 112 15.97 -4.59 -13.82
N PRO E 113 16.07 -3.55 -14.66
CA PRO E 113 14.89 -2.82 -15.12
C PRO E 113 13.94 -3.71 -15.96
N THR E 114 12.62 -3.54 -15.78
CA THR E 114 11.62 -4.11 -16.68
C THR E 114 11.36 -3.04 -17.78
N VAL E 115 11.61 -3.37 -19.04
CA VAL E 115 11.60 -2.37 -20.11
C VAL E 115 10.43 -2.64 -21.04
N SER E 116 9.65 -1.61 -21.35
CA SER E 116 8.50 -1.72 -22.27
C SER E 116 8.48 -0.58 -23.29
N ILE E 117 8.25 -0.92 -24.56
CA ILE E 117 8.15 0.07 -25.64
C ILE E 117 6.72 0.24 -26.24
N PHE E 118 6.39 1.46 -26.59
CA PHE E 118 5.06 1.78 -27.14
C PHE E 118 5.25 2.69 -28.35
N PRO E 119 4.73 2.28 -29.51
CA PRO E 119 4.64 3.14 -30.69
C PRO E 119 3.65 4.30 -30.50
N PRO E 120 3.67 5.30 -31.38
CA PRO E 120 2.68 6.39 -31.32
C PRO E 120 1.27 5.82 -31.40
N SER E 121 0.32 6.38 -30.66
CA SER E 121 -1.08 5.97 -30.77
C SER E 121 -1.58 6.48 -32.09
N SER E 122 -2.56 5.82 -32.70
CA SER E 122 -3.25 6.43 -33.87
C SER E 122 -3.87 7.81 -33.54
N GLU E 123 -4.31 8.00 -32.28
CA GLU E 123 -4.83 9.30 -31.81
C GLU E 123 -3.82 10.42 -32.06
N GLN E 124 -2.58 10.23 -31.59
CA GLN E 124 -1.53 11.22 -31.78
C GLN E 124 -1.18 11.41 -33.27
N LEU E 125 -1.05 10.33 -34.01
CA LEU E 125 -0.71 10.42 -35.44
C LEU E 125 -1.65 11.28 -36.29
N THR E 126 -2.95 11.17 -36.05
CA THR E 126 -3.98 12.01 -36.64
C THR E 126 -3.70 13.51 -36.47
N SER E 127 -3.18 13.89 -35.30
CA SER E 127 -2.82 15.28 -35.05
C SER E 127 -1.49 15.72 -35.67
N GLY E 128 -0.75 14.80 -36.29
CA GLY E 128 0.55 15.15 -36.90
C GLY E 128 1.80 14.99 -36.03
N GLY E 129 1.68 14.36 -34.87
CA GLY E 129 2.82 14.10 -34.00
C GLY E 129 3.13 12.61 -33.87
N ALA E 130 4.29 12.28 -33.31
CA ALA E 130 4.66 10.89 -33.12
C ALA E 130 5.64 10.72 -31.96
N SER E 131 5.12 10.24 -30.84
CA SER E 131 5.94 9.99 -29.65
C SER E 131 6.07 8.49 -29.44
N VAL E 132 7.32 8.03 -29.32
CA VAL E 132 7.67 6.65 -28.97
C VAL E 132 8.08 6.67 -27.48
N VAL E 133 7.42 5.85 -26.67
CA VAL E 133 7.68 5.80 -25.23
C VAL E 133 8.37 4.48 -24.81
N CYS E 134 9.36 4.58 -23.90
CA CYS E 134 9.89 3.44 -23.10
C CYS E 134 9.78 3.65 -21.58
N PHE E 135 9.25 2.66 -20.90
CA PHE E 135 9.30 2.63 -19.44
C PHE E 135 10.42 1.67 -19.02
N LEU E 136 11.23 2.09 -18.06
CA LEU E 136 12.30 1.24 -17.52
C LEU E 136 12.01 1.20 -16.03
N ASN E 137 11.34 0.14 -15.58
CA ASN E 137 10.76 0.08 -14.24
C ASN E 137 11.39 -0.85 -13.16
N ASN E 138 11.40 -0.34 -11.93
CA ASN E 138 11.76 -1.10 -10.72
C ASN E 138 13.18 -1.64 -10.75
N PHE E 139 14.13 -0.78 -11.06
CA PHE E 139 15.52 -1.21 -11.06
C PHE E 139 16.25 -0.75 -9.79
N TYR E 140 17.42 -1.34 -9.52
CA TYR E 140 18.33 -0.89 -8.45
C TYR E 140 19.72 -1.42 -8.77
N PRO E 141 20.77 -0.62 -8.65
CA PRO E 141 20.74 0.77 -8.17
C PRO E 141 20.27 1.81 -9.19
N LYS E 142 20.20 3.07 -8.74
CA LYS E 142 19.62 4.19 -9.51
C LYS E 142 20.34 4.55 -10.81
N ASP E 143 21.60 4.16 -10.97
CA ASP E 143 22.35 4.60 -12.15
C ASP E 143 21.89 3.75 -13.31
N ILE E 144 21.62 4.42 -14.43
CA ILE E 144 21.13 3.78 -15.64
C ILE E 144 21.31 4.81 -16.76
N ASN E 145 21.48 4.33 -17.98
CA ASN E 145 21.61 5.20 -19.17
C ASN E 145 20.75 4.63 -20.29
N VAL E 146 19.99 5.50 -20.96
CA VAL E 146 19.12 5.08 -22.05
C VAL E 146 19.54 5.74 -23.37
N LYS E 147 19.56 4.90 -24.40
CA LYS E 147 19.90 5.32 -25.74
C LYS E 147 18.77 4.91 -26.68
N TRP E 148 18.37 5.86 -27.54
CA TRP E 148 17.46 5.63 -28.65
C TRP E 148 18.19 5.38 -29.99
N LYS E 149 17.68 4.43 -30.78
CA LYS E 149 18.14 4.25 -32.13
C LYS E 149 17.02 4.22 -33.16
N ILE E 150 17.29 4.81 -34.33
CA ILE E 150 16.37 4.79 -35.47
C ILE E 150 17.10 4.19 -36.65
N ASP E 151 16.53 3.12 -37.21
CA ASP E 151 17.22 2.29 -38.21
C ASP E 151 18.69 2.06 -37.85
N GLY E 152 18.94 1.77 -36.58
CA GLY E 152 20.28 1.46 -36.12
C GLY E 152 21.17 2.67 -35.85
N LYS E 153 20.66 3.88 -36.08
CA LYS E 153 21.42 5.12 -35.84
C LYS E 153 21.02 5.83 -34.55
N GLU E 154 22.03 6.10 -33.72
CA GLU E 154 21.83 6.76 -32.42
C GLU E 154 21.16 8.13 -32.60
N ARG E 155 20.19 8.43 -31.74
CA ARG E 155 19.44 9.68 -31.84
C ARG E 155 19.25 10.33 -30.46
N GLN E 156 19.68 11.60 -30.35
CA GLN E 156 19.64 12.38 -29.10
C GLN E 156 18.57 13.46 -29.09
N ASN E 157 18.32 14.04 -30.25
CA ASN E 157 17.38 15.12 -30.35
C ASN E 157 15.91 14.63 -30.30
N GLY E 158 15.11 15.31 -29.48
CA GLY E 158 13.69 15.02 -29.28
C GLY E 158 13.38 14.09 -28.10
N VAL E 159 14.39 13.80 -27.28
CA VAL E 159 14.28 12.85 -26.17
C VAL E 159 14.05 13.58 -24.85
N LEU E 160 13.00 13.18 -24.12
CA LEU E 160 12.60 13.75 -22.84
C LEU E 160 12.49 12.65 -21.79
N ASN E 161 13.32 12.81 -20.74
CA ASN E 161 13.44 11.84 -19.66
C ASN E 161 12.87 12.30 -18.33
N SER E 162 12.22 11.38 -17.62
CA SER E 162 11.77 11.66 -16.27
C SER E 162 11.99 10.45 -15.33
N TRP E 163 12.22 10.74 -14.05
CA TRP E 163 12.63 9.72 -13.08
C TRP E 163 11.86 9.87 -11.78
N THR E 164 11.43 8.75 -11.19
CA THR E 164 10.78 8.79 -9.88
C THR E 164 11.83 8.80 -8.76
N ASP E 165 11.42 9.22 -7.56
CA ASP E 165 12.24 9.04 -6.37
C ASP E 165 12.21 7.55 -5.90
N GLN E 166 13.14 7.16 -5.02
CA GLN E 166 13.14 5.79 -4.49
C GLN E 166 11.75 5.33 -3.99
N ASP E 167 11.32 4.14 -4.41
CA ASP E 167 9.99 3.65 -4.00
C ASP E 167 9.90 3.37 -2.48
N SER E 168 8.79 3.78 -1.84
CA SER E 168 8.59 3.68 -0.37
C SER E 168 8.42 2.24 0.11
N LYS E 169 7.81 1.44 -0.76
CA LYS E 169 7.52 0.02 -0.57
C LYS E 169 8.68 -0.92 -0.93
N ASP E 170 9.21 -0.87 -2.15
CA ASP E 170 10.27 -1.85 -2.56
C ASP E 170 11.72 -1.30 -2.69
N SER E 171 11.87 0.03 -2.58
CA SER E 171 13.15 0.75 -2.63
C SER E 171 13.82 0.75 -4.02
N THR E 172 13.04 0.59 -5.08
CA THR E 172 13.61 0.62 -6.42
C THR E 172 13.45 2.00 -7.07
N TYR E 173 13.93 2.14 -8.30
CA TYR E 173 13.76 3.34 -9.08
C TYR E 173 13.10 3.00 -10.40
N SER E 174 12.43 3.99 -10.98
CA SER E 174 11.89 3.87 -12.35
C SER E 174 12.21 5.06 -13.26
N MET E 175 12.17 4.83 -14.58
CA MET E 175 12.49 5.90 -15.53
C MET E 175 11.53 5.82 -16.73
N SER E 176 11.18 6.98 -17.27
CA SER E 176 10.38 7.09 -18.48
C SER E 176 11.14 7.91 -19.53
N SER E 177 11.21 7.41 -20.75
CA SER E 177 11.92 8.11 -21.82
C SER E 177 11.03 8.19 -23.06
N THR E 178 10.82 9.42 -23.57
CA THR E 178 9.91 9.70 -24.71
C THR E 178 10.66 10.37 -25.84
N LEU E 179 10.62 9.74 -27.00
CA LEU E 179 11.25 10.23 -28.21
C LEU E 179 10.11 10.80 -29.06
N THR E 180 10.14 12.12 -29.28
CA THR E 180 9.06 12.75 -30.05
C THR E 180 9.61 13.21 -31.40
N LEU E 181 8.92 12.85 -32.49
CA LEU E 181 9.24 13.32 -33.86
C LEU E 181 8.00 13.86 -34.54
N THR E 182 8.13 14.47 -35.71
CA THR E 182 6.93 14.72 -36.52
C THR E 182 6.44 13.41 -37.11
N LYS E 183 5.14 13.35 -37.37
CA LYS E 183 4.56 12.25 -38.11
C LYS E 183 5.35 11.94 -39.40
N ASP E 184 5.67 12.97 -40.18
CA ASP E 184 6.34 12.82 -41.46
C ASP E 184 7.72 12.16 -41.35
N GLU E 185 8.48 12.55 -40.34
CA GLU E 185 9.79 11.93 -40.11
C GLU E 185 9.66 10.49 -39.57
N TYR E 186 8.66 10.27 -38.71
CA TYR E 186 8.36 8.95 -38.16
C TYR E 186 8.06 7.93 -39.28
N GLU E 187 7.32 8.35 -40.32
CA GLU E 187 6.88 7.48 -41.42
C GLU E 187 8.00 7.20 -42.44
N ARG E 188 9.16 7.82 -42.25
CA ARG E 188 10.28 7.64 -43.17
C ARG E 188 11.31 6.60 -42.71
N HIS E 189 11.12 6.08 -41.51
CA HIS E 189 12.00 5.08 -40.94
C HIS E 189 11.17 3.94 -40.40
N ASN E 190 11.83 2.80 -40.19
CA ASN E 190 11.15 1.55 -39.90
C ASN E 190 11.36 1.04 -38.46
N SER E 191 12.61 0.98 -38.00
CA SER E 191 12.94 0.29 -36.77
C SER E 191 13.24 1.29 -35.64
N TYR E 192 12.57 1.13 -34.48
CA TYR E 192 12.75 1.99 -33.33
C TYR E 192 13.13 1.18 -32.09
N THR E 193 14.18 1.65 -31.40
CA THR E 193 14.83 0.90 -30.33
C THR E 193 15.21 1.80 -29.15
N CYS E 194 14.87 1.37 -27.93
CA CYS E 194 15.44 1.96 -26.74
C CYS E 194 16.31 0.95 -26.00
N GLU E 195 17.46 1.38 -25.50
CA GLU E 195 18.49 0.49 -25.00
C GLU E 195 18.93 0.95 -23.64
N ALA E 196 18.75 0.10 -22.63
CA ALA E 196 19.12 0.48 -21.28
C ALA E 196 20.42 -0.16 -20.83
N THR E 197 21.34 0.68 -20.36
CA THR E 197 22.56 0.18 -19.80
C THR E 197 22.48 0.27 -18.27
N HIS E 198 22.75 -0.85 -17.63
CA HIS E 198 22.54 -0.97 -16.19
C HIS E 198 23.45 -2.06 -15.63
N LYS E 199 23.85 -1.89 -14.39
CA LYS E 199 24.87 -2.73 -13.77
C LYS E 199 24.53 -4.24 -13.77
N THR E 200 23.23 -4.55 -13.76
CA THR E 200 22.77 -5.92 -13.74
C THR E 200 22.99 -6.76 -15.02
N SER E 201 23.35 -6.11 -16.11
CA SER E 201 23.51 -6.86 -17.36
C SER E 201 24.74 -6.33 -18.10
N THR E 202 25.60 -7.21 -18.59
CA THR E 202 26.78 -6.79 -19.37
C THR E 202 26.35 -6.17 -20.72
N SER E 203 25.40 -6.81 -21.40
CA SER E 203 24.85 -6.30 -22.64
C SER E 203 23.70 -5.32 -22.31
N PRO E 204 23.34 -4.42 -23.23
CA PRO E 204 22.16 -3.55 -23.05
C PRO E 204 20.86 -4.34 -22.99
N ILE E 205 19.91 -3.87 -22.18
CA ILE E 205 18.56 -4.41 -22.17
C ILE E 205 17.74 -3.57 -23.18
N VAL E 206 17.29 -4.17 -24.28
CA VAL E 206 16.66 -3.42 -25.34
C VAL E 206 15.25 -3.90 -25.62
N LYS E 207 14.35 -2.97 -25.92
CA LYS E 207 13.09 -3.31 -26.60
C LYS E 207 13.01 -2.59 -27.91
N SER E 208 12.23 -3.13 -28.84
CA SER E 208 12.24 -2.62 -30.18
C SER E 208 10.94 -2.96 -30.91
N PHE E 209 10.64 -2.23 -31.99
CA PHE E 209 9.53 -2.56 -32.89
C PHE E 209 9.78 -1.99 -34.27
N ASN E 210 9.27 -2.66 -35.30
CA ASN E 210 9.26 -2.17 -36.67
C ASN E 210 7.89 -1.56 -37.00
N ARG E 211 7.88 -0.30 -37.47
CA ARG E 211 6.65 0.39 -37.84
C ARG E 211 5.83 -0.38 -38.90
N ASN E 212 6.38 -1.10 -39.75
N VAL F 2 -12.30 -6.24 36.05
CA VAL F 2 -11.52 -5.53 34.97
C VAL F 2 -11.68 -6.23 33.61
N GLN F 3 -12.00 -5.43 32.59
CA GLN F 3 -12.29 -5.94 31.24
C GLN F 3 -11.83 -4.98 30.15
N LEU F 4 -11.34 -5.52 29.04
CA LEU F 4 -11.25 -4.79 27.79
C LEU F 4 -12.27 -5.36 26.79
N GLN F 5 -13.21 -4.52 26.36
CA GLN F 5 -14.32 -4.94 25.48
C GLN F 5 -14.22 -4.17 24.15
N GLN F 6 -13.99 -4.91 23.05
CA GLN F 6 -13.78 -4.35 21.71
C GLN F 6 -15.07 -4.35 20.87
N SER F 7 -15.12 -3.54 19.81
CA SER F 7 -16.31 -3.50 18.94
C SER F 7 -16.32 -4.73 18.06
N GLY F 8 -17.39 -4.90 17.27
CA GLY F 8 -17.63 -6.10 16.47
C GLY F 8 -17.02 -6.16 15.06
N PRO F 9 -17.23 -7.29 14.37
CA PRO F 9 -16.60 -7.54 13.06
C PRO F 9 -16.89 -6.45 12.02
N GLU F 10 -15.87 -6.16 11.23
CA GLU F 10 -15.95 -5.11 10.21
C GLU F 10 -15.68 -5.62 8.80
N LEU F 11 -16.51 -5.16 7.86
CA LEU F 11 -16.38 -5.51 6.44
C LEU F 11 -16.19 -4.22 5.70
N LYS F 12 -15.11 -4.14 4.92
CA LYS F 12 -14.74 -2.92 4.22
C LYS F 12 -14.26 -3.20 2.81
N LYS F 13 -14.63 -2.31 1.88
CA LYS F 13 -14.14 -2.37 0.51
C LYS F 13 -12.79 -1.63 0.43
N PRO F 14 -11.92 -1.99 -0.52
CA PRO F 14 -10.61 -1.32 -0.67
C PRO F 14 -10.79 0.19 -0.70
N GLY F 15 -10.00 0.93 0.09
CA GLY F 15 -9.99 2.38 0.06
C GLY F 15 -10.82 3.08 1.12
N GLU F 16 -11.64 2.31 1.82
CA GLU F 16 -12.49 2.84 2.89
C GLU F 16 -11.69 2.96 4.19
N THR F 17 -12.35 3.45 5.24
CA THR F 17 -11.73 3.65 6.54
C THR F 17 -12.46 2.80 7.58
N VAL F 18 -11.71 2.20 8.51
CA VAL F 18 -12.30 1.59 9.71
C VAL F 18 -11.89 2.31 10.97
N LYS F 19 -12.79 2.29 11.93
CA LYS F 19 -12.49 2.75 13.28
C LYS F 19 -12.97 1.71 14.28
N LEU F 20 -12.04 1.10 15.02
CA LEU F 20 -12.49 0.16 16.02
C LEU F 20 -12.13 0.50 17.47
N SER F 21 -13.08 0.23 18.37
CA SER F 21 -12.98 0.67 19.75
C SER F 21 -12.50 -0.39 20.74
N CYS F 22 -11.98 0.10 21.86
CA CYS F 22 -11.53 -0.74 22.96
C CYS F 22 -11.96 -0.09 24.27
N LYS F 23 -13.03 -0.62 24.86
CA LYS F 23 -13.59 -0.08 26.10
C LYS F 23 -13.01 -0.81 27.34
N ALA F 24 -12.45 -0.02 28.23
CA ALA F 24 -11.87 -0.51 29.47
C ALA F 24 -12.83 -0.22 30.65
N SER F 25 -12.96 -1.17 31.56
CA SER F 25 -13.74 -0.95 32.78
C SER F 25 -13.09 -1.61 33.98
N GLY F 26 -13.46 -1.15 35.17
CA GLY F 26 -12.99 -1.74 36.42
C GLY F 26 -11.74 -1.09 37.03
N TYR F 27 -11.10 -0.20 36.29
CA TYR F 27 -9.94 0.53 36.81
C TYR F 27 -9.91 1.95 36.27
N THR F 28 -9.16 2.81 36.95
CA THR F 28 -8.96 4.16 36.48
C THR F 28 -8.29 4.12 35.10
N PHE F 29 -9.01 4.61 34.10
CA PHE F 29 -8.60 4.51 32.70
C PHE F 29 -7.21 5.08 32.41
N THR F 30 -6.90 6.23 32.99
CA THR F 30 -5.62 6.93 32.70
C THR F 30 -4.38 6.35 33.39
N ASN F 31 -4.53 5.31 34.18
CA ASN F 31 -3.38 4.75 34.90
C ASN F 31 -2.42 4.00 33.98
N PHE F 32 -2.97 3.33 32.96
CA PHE F 32 -2.19 2.39 32.15
C PHE F 32 -2.40 2.64 30.66
N GLY F 33 -1.36 2.37 29.86
CA GLY F 33 -1.40 2.61 28.43
C GLY F 33 -2.04 1.46 27.69
N LEU F 34 -2.36 1.67 26.42
CA LEU F 34 -3.06 0.66 25.63
C LEU F 34 -2.29 0.33 24.36
N ASN F 35 -2.11 -0.98 24.12
CA ASN F 35 -1.31 -1.50 23.03
C ASN F 35 -2.20 -2.16 21.98
N TRP F 36 -1.80 -2.06 20.72
CA TRP F 36 -2.58 -2.64 19.61
C TRP F 36 -1.74 -3.69 18.89
N MET F 37 -2.32 -4.87 18.64
CA MET F 37 -1.65 -5.94 17.90
C MET F 37 -2.42 -6.38 16.68
N LYS F 38 -1.68 -6.80 15.64
CA LYS F 38 -2.24 -7.39 14.43
C LYS F 38 -1.93 -8.91 14.35
N GLN F 39 -2.95 -9.72 14.02
CA GLN F 39 -2.75 -11.13 13.70
C GLN F 39 -3.42 -11.50 12.40
N ALA F 40 -2.63 -11.66 11.34
CA ALA F 40 -3.12 -12.09 10.04
C ALA F 40 -3.54 -13.57 10.13
N PRO F 41 -4.49 -13.98 9.26
CA PRO F 41 -5.13 -15.31 9.32
C PRO F 41 -4.33 -16.48 9.92
N GLY F 42 -3.34 -17.03 9.23
CA GLY F 42 -2.57 -18.12 9.83
C GLY F 42 -1.29 -17.70 10.53
N LYS F 43 -1.19 -16.43 10.94
CA LYS F 43 0.10 -15.85 11.29
C LYS F 43 0.28 -15.54 12.77
N GLY F 44 1.46 -15.01 13.12
CA GLY F 44 1.82 -14.63 14.48
C GLY F 44 1.42 -13.21 14.91
N LEU F 45 1.64 -12.91 16.19
CA LEU F 45 1.31 -11.60 16.75
C LEU F 45 2.33 -10.50 16.40
N LYS F 46 1.83 -9.36 15.93
CA LYS F 46 2.65 -8.18 15.64
C LYS F 46 2.21 -6.96 16.49
N TRP F 47 3.17 -6.34 17.17
CA TRP F 47 2.93 -5.11 17.93
C TRP F 47 2.92 -3.92 17.00
N MET F 48 1.80 -3.20 16.96
CA MET F 48 1.61 -2.05 16.05
C MET F 48 2.10 -0.74 16.64
N GLY F 49 2.04 -0.64 17.97
CA GLY F 49 2.30 0.59 18.70
C GLY F 49 1.43 0.69 19.96
N TRP F 50 1.51 1.84 20.60
CA TRP F 50 0.75 2.08 21.82
C TRP F 50 0.37 3.56 22.01
N ILE F 51 -0.61 3.80 22.86
CA ILE F 51 -1.04 5.15 23.20
C ILE F 51 -1.01 5.37 24.71
N ASN F 52 -0.49 6.52 25.12
CA ASN F 52 -0.49 6.93 26.50
C ASN F 52 -1.87 7.47 26.87
N THR F 53 -2.55 6.79 27.79
CA THR F 53 -3.91 7.18 28.19
C THR F 53 -3.97 8.47 29.01
N TYR F 54 -2.86 8.85 29.63
CA TYR F 54 -2.81 10.07 30.43
C TYR F 54 -2.42 11.28 29.58
N THR F 55 -1.67 11.04 28.52
CA THR F 55 -1.03 12.11 27.77
C THR F 55 -1.60 12.26 26.35
N GLY F 56 -2.12 11.17 25.78
CA GLY F 56 -2.61 11.19 24.41
C GLY F 56 -1.52 10.96 23.37
N GLU F 57 -0.26 10.93 23.80
CA GLU F 57 0.88 10.67 22.92
C GLU F 57 0.88 9.22 22.41
N SER F 58 0.87 9.09 21.09
CA SER F 58 0.87 7.80 20.42
C SER F 58 2.28 7.45 19.95
N THR F 59 2.64 6.16 20.01
CA THR F 59 3.88 5.68 19.39
C THR F 59 3.56 4.55 18.40
N TYR F 60 4.04 4.69 17.16
CA TYR F 60 3.86 3.72 16.07
C TYR F 60 5.16 2.94 15.76
N ALA F 61 5.07 1.62 15.69
CA ALA F 61 6.12 0.79 15.11
C ALA F 61 6.35 1.14 13.62
N ASP F 62 7.57 0.90 13.12
CA ASP F 62 7.92 1.20 11.72
C ASP F 62 6.99 0.66 10.63
N ASP F 63 6.38 -0.51 10.86
CA ASP F 63 5.50 -1.11 9.84
C ASP F 63 4.10 -0.51 9.83
N PHE F 64 3.85 0.45 10.72
CA PHE F 64 2.51 0.99 10.89
C PHE F 64 2.51 2.51 10.95
N LYS F 65 3.39 3.10 10.18
CA LYS F 65 3.40 4.55 9.97
C LYS F 65 2.70 4.85 8.65
N GLY F 66 1.77 5.82 8.68
CA GLY F 66 1.08 6.28 7.49
C GLY F 66 -0.45 6.19 7.61
N ARG F 67 -0.98 4.98 7.47
CA ARG F 67 -2.42 4.77 7.42
C ARG F 67 -3.04 4.54 8.80
N PHE F 68 -2.22 4.53 9.84
CA PHE F 68 -2.68 4.08 11.16
C PHE F 68 -2.68 5.20 12.20
N ALA F 69 -3.79 5.30 12.93
CA ALA F 69 -4.04 6.38 13.87
C ALA F 69 -4.78 5.92 15.13
N PHE F 70 -4.14 6.09 16.29
CA PHE F 70 -4.74 5.75 17.58
C PHE F 70 -5.38 6.99 18.17
N SER F 71 -6.45 6.83 18.95
CA SER F 71 -7.06 7.97 19.66
C SER F 71 -7.76 7.57 20.95
N LEU F 72 -8.23 8.58 21.67
CA LEU F 72 -8.87 8.42 22.97
C LEU F 72 -10.17 9.18 23.08
N GLU F 73 -11.15 8.58 23.75
CA GLU F 73 -12.26 9.31 24.33
C GLU F 73 -12.27 9.00 25.83
N THR F 74 -11.59 9.86 26.59
CA THR F 74 -11.28 9.61 27.99
C THR F 74 -12.50 9.47 28.92
N SER F 75 -13.57 10.21 28.64
CA SER F 75 -14.77 10.15 29.46
C SER F 75 -15.56 8.84 29.29
N ALA F 76 -15.46 8.23 28.12
CA ALA F 76 -16.05 6.91 27.88
C ALA F 76 -15.05 5.76 28.07
N SER F 77 -13.92 6.03 28.70
CA SER F 77 -12.87 5.04 28.91
C SER F 77 -12.55 4.19 27.69
N THR F 78 -12.47 4.83 26.53
CA THR F 78 -12.30 4.13 25.27
C THR F 78 -11.09 4.59 24.45
N ALA F 79 -10.35 3.62 23.90
CA ALA F 79 -9.30 3.86 22.91
C ALA F 79 -9.76 3.38 21.54
N TYR F 80 -9.25 4.01 20.48
CA TYR F 80 -9.65 3.65 19.12
C TYR F 80 -8.46 3.39 18.20
N LEU F 81 -8.62 2.42 17.30
CA LEU F 81 -7.68 2.25 16.18
C LEU F 81 -8.37 2.56 14.85
N GLN F 82 -7.76 3.47 14.08
CA GLN F 82 -8.25 3.85 12.77
C GLN F 82 -7.26 3.46 11.67
N ILE F 83 -7.77 2.76 10.66
CA ILE F 83 -6.99 2.42 9.47
C ILE F 83 -7.63 3.11 8.27
N ASN F 84 -6.88 4.00 7.64
CA ASN F 84 -7.33 4.72 6.45
C ASN F 84 -6.94 3.92 5.22
N ASN F 85 -7.70 4.09 4.14
CA ASN F 85 -7.34 3.57 2.82
C ASN F 85 -6.99 2.05 2.81
N VAL F 86 -7.90 1.26 3.38
CA VAL F 86 -7.64 -0.15 3.63
C VAL F 86 -7.33 -0.97 2.37
N LYS F 87 -6.46 -1.96 2.52
CA LYS F 87 -6.18 -2.91 1.44
C LYS F 87 -6.20 -4.38 1.89
N ASN F 88 -6.04 -5.30 0.93
CA ASN F 88 -6.03 -6.74 1.19
C ASN F 88 -5.15 -7.19 2.36
N GLU F 89 -4.02 -6.49 2.57
CA GLU F 89 -3.06 -6.83 3.63
C GLU F 89 -3.59 -6.53 5.05
N ASP F 90 -4.66 -5.74 5.16
CA ASP F 90 -5.26 -5.34 6.45
C ASP F 90 -6.26 -6.36 7.01
N THR F 91 -6.58 -7.36 6.20
CA THR F 91 -7.46 -8.45 6.59
C THR F 91 -6.75 -9.24 7.66
N ALA F 92 -7.23 -9.13 8.90
CA ALA F 92 -6.56 -9.68 10.08
C ALA F 92 -7.47 -9.48 11.28
N THR F 93 -7.05 -9.99 12.42
CA THR F 93 -7.71 -9.72 13.70
C THR F 93 -6.85 -8.74 14.48
N TYR F 94 -7.51 -7.79 15.14
CA TYR F 94 -6.81 -6.77 15.90
C TYR F 94 -7.18 -6.84 17.39
N PHE F 95 -6.17 -6.76 18.26
CA PHE F 95 -6.36 -6.83 19.72
C PHE F 95 -5.86 -5.59 20.39
N CYS F 96 -6.60 -5.09 21.36
CA CYS F 96 -6.01 -4.12 22.26
C CYS F 96 -5.52 -4.89 23.51
N ALA F 97 -4.52 -4.33 24.20
CA ALA F 97 -4.05 -4.91 25.48
C ALA F 97 -3.45 -3.87 26.40
N ARG F 98 -3.80 -3.99 27.68
CA ARG F 98 -3.33 -3.06 28.71
C ARG F 98 -1.89 -3.38 29.07
N GLY F 99 -1.05 -2.35 29.04
CA GLY F 99 0.32 -2.45 29.51
C GLY F 99 0.41 -2.25 31.02
N PHE F 100 0.67 -3.31 31.78
CA PHE F 100 0.82 -3.16 33.23
C PHE F 100 2.23 -2.69 33.62
N TYR F 101 2.29 -1.42 34.04
CA TYR F 101 3.51 -0.74 34.52
C TYR F 101 3.09 0.51 35.26
N TYR F 102 3.98 1.03 36.11
CA TYR F 102 3.76 2.26 36.88
C TYR F 102 5.08 2.76 37.45
N TYR F 103 5.09 3.98 37.99
CA TYR F 103 6.26 4.59 38.62
C TYR F 103 6.76 3.80 39.82
N GLY F 104 7.97 3.24 39.67
CA GLY F 104 8.57 2.38 40.68
C GLY F 104 8.31 0.89 40.54
N SER F 105 7.56 0.47 39.52
CA SER F 105 7.30 -0.95 39.31
C SER F 105 8.59 -1.68 38.92
N ARG F 106 8.71 -2.93 39.32
CA ARG F 106 9.83 -3.76 38.88
C ARG F 106 9.58 -4.48 37.57
N TYR F 107 8.29 -4.60 37.18
CA TYR F 107 7.84 -5.51 36.12
C TYR F 107 6.94 -4.82 35.09
N PHE F 108 6.98 -5.34 33.86
CA PHE F 108 6.22 -4.84 32.70
C PHE F 108 5.74 -6.06 31.92
N TYR F 109 4.44 -6.07 31.60
CA TYR F 109 3.79 -7.12 30.84
C TYR F 109 2.38 -6.68 30.45
N PHE F 110 1.78 -7.36 29.48
CA PHE F 110 0.40 -7.06 29.05
C PHE F 110 -0.55 -8.02 29.75
N ASP F 111 -1.32 -7.54 30.72
CA ASP F 111 -2.18 -8.45 31.51
C ASP F 111 -3.58 -8.69 30.93
N TYR F 112 -4.35 -7.62 30.72
CA TYR F 112 -5.70 -7.72 30.13
C TYR F 112 -5.75 -7.49 28.63
N TRP F 113 -6.40 -8.41 27.92
CA TRP F 113 -6.53 -8.35 26.46
C TRP F 113 -8.02 -8.22 26.06
N GLY F 114 -8.32 -7.44 25.04
CA GLY F 114 -9.64 -7.40 24.42
C GLY F 114 -9.92 -8.75 23.80
N GLN F 115 -11.16 -8.97 23.37
CA GLN F 115 -11.55 -10.27 22.82
C GLN F 115 -11.11 -10.37 21.33
N GLY F 116 -10.66 -9.23 20.80
CA GLY F 116 -10.22 -9.16 19.40
C GLY F 116 -11.32 -8.81 18.42
N THR F 117 -10.96 -8.12 17.34
CA THR F 117 -11.92 -7.77 16.29
C THR F 117 -11.39 -7.94 14.88
N THR F 118 -12.23 -8.58 14.07
CA THR F 118 -11.97 -8.98 12.69
C THR F 118 -12.25 -7.85 11.69
N LEU F 119 -11.32 -7.67 10.75
CA LEU F 119 -11.48 -6.81 9.59
C LEU F 119 -11.36 -7.66 8.32
N THR F 120 -12.35 -7.59 7.43
CA THR F 120 -12.24 -8.28 6.15
C THR F 120 -12.33 -7.27 5.04
N VAL F 121 -11.41 -7.34 4.08
CA VAL F 121 -11.40 -6.43 2.95
C VAL F 121 -11.77 -7.19 1.68
N SER F 122 -12.72 -6.60 0.94
CA SER F 122 -13.35 -7.23 -0.21
C SER F 122 -14.22 -6.23 -0.98
N SER F 123 -14.26 -6.37 -2.30
CA SER F 123 -15.04 -5.44 -3.13
C SER F 123 -16.48 -5.95 -3.16
N ALA F 124 -16.67 -7.18 -2.70
CA ALA F 124 -17.94 -7.89 -2.82
C ALA F 124 -19.06 -7.27 -2.02
N LYS F 125 -20.30 -7.55 -2.43
CA LYS F 125 -21.45 -7.30 -1.61
C LYS F 125 -22.07 -8.64 -1.21
N THR F 126 -23.06 -8.59 -0.32
CA THR F 126 -23.71 -9.79 0.16
C THR F 126 -24.09 -10.66 -1.03
N THR F 127 -23.65 -11.91 -0.98
CA THR F 127 -23.84 -12.88 -2.06
C THR F 127 -24.09 -14.27 -1.48
N ALA F 128 -25.26 -14.83 -1.79
CA ALA F 128 -25.64 -16.16 -1.35
C ALA F 128 -24.81 -17.28 -2.03
N PRO F 129 -24.54 -18.37 -1.31
CA PRO F 129 -23.71 -19.48 -1.86
C PRO F 129 -24.42 -20.35 -2.89
N SER F 130 -23.69 -20.84 -3.88
CA SER F 130 -24.14 -21.99 -4.65
C SER F 130 -23.55 -23.26 -3.98
N VAL F 131 -24.39 -24.28 -3.85
CA VAL F 131 -24.05 -25.54 -3.20
C VAL F 131 -23.98 -26.68 -4.26
N TYR F 132 -22.76 -27.11 -4.59
CA TYR F 132 -22.55 -28.16 -5.60
C TYR F 132 -22.35 -29.55 -4.94
N PRO F 133 -22.95 -30.57 -5.50
CA PRO F 133 -22.87 -31.92 -4.91
C PRO F 133 -21.55 -32.59 -5.31
N LEU F 134 -20.96 -33.38 -4.41
CA LEU F 134 -19.73 -34.12 -4.73
C LEU F 134 -20.03 -35.60 -4.53
N ALA F 135 -20.14 -36.31 -5.64
CA ALA F 135 -20.47 -37.72 -5.63
C ALA F 135 -19.38 -38.44 -6.45
N PRO F 136 -19.00 -39.66 -6.09
CA PRO F 136 -18.02 -40.46 -6.88
C PRO F 136 -18.53 -40.86 -8.26
N VAL F 137 -17.66 -40.93 -9.28
CA VAL F 137 -18.05 -41.65 -10.56
C VAL F 137 -16.91 -42.28 -11.38
N SER F 144 -15.16 -50.55 0.29
CA SER F 144 -15.76 -50.74 1.65
C SER F 144 -16.29 -49.45 2.33
N SER F 145 -15.65 -48.31 2.08
CA SER F 145 -16.28 -47.04 2.41
C SER F 145 -16.45 -46.14 1.23
N VAL F 146 -17.26 -45.10 1.39
CA VAL F 146 -17.52 -44.14 0.33
C VAL F 146 -17.49 -42.73 0.94
N THR F 147 -16.82 -41.81 0.24
CA THR F 147 -16.73 -40.42 0.64
C THR F 147 -17.58 -39.56 -0.30
N LEU F 148 -18.39 -38.66 0.28
CA LEU F 148 -19.21 -37.70 -0.43
C LEU F 148 -18.86 -36.32 0.05
N GLY F 149 -19.45 -35.28 -0.54
CA GLY F 149 -19.14 -33.93 -0.10
C GLY F 149 -20.05 -32.86 -0.69
N CYS F 150 -19.94 -31.61 -0.22
CA CYS F 150 -20.65 -30.50 -0.82
C CYS F 150 -19.63 -29.41 -0.98
N LEU F 151 -19.69 -28.72 -2.11
CA LEU F 151 -18.79 -27.62 -2.39
C LEU F 151 -19.63 -26.32 -2.36
N VAL F 152 -19.32 -25.45 -1.42
CA VAL F 152 -20.10 -24.23 -1.20
C VAL F 152 -19.26 -23.06 -1.74
N LYS F 153 -19.64 -22.54 -2.92
CA LYS F 153 -18.86 -21.56 -3.66
C LYS F 153 -19.52 -20.19 -3.78
N GLY F 154 -18.70 -19.14 -3.81
CA GLY F 154 -19.11 -17.83 -4.28
C GLY F 154 -19.97 -16.97 -3.38
N TYR F 155 -19.88 -17.18 -2.07
CA TYR F 155 -20.61 -16.35 -1.09
C TYR F 155 -19.72 -15.29 -0.40
N PHE F 156 -20.40 -14.30 0.22
CA PHE F 156 -19.79 -13.26 1.04
C PHE F 156 -20.90 -12.63 1.86
N PRO F 157 -20.68 -12.31 3.14
CA PRO F 157 -19.45 -12.59 3.91
C PRO F 157 -19.48 -13.90 4.69
N GLU F 158 -18.50 -14.12 5.58
CA GLU F 158 -18.53 -15.25 6.51
C GLU F 158 -19.56 -14.92 7.61
N PRO F 159 -20.13 -15.91 8.32
CA PRO F 159 -19.87 -17.34 8.13
C PRO F 159 -20.93 -18.11 7.27
N VAL F 160 -20.60 -19.31 6.86
CA VAL F 160 -21.63 -20.31 6.54
C VAL F 160 -21.56 -21.50 7.50
N THR F 161 -22.71 -22.09 7.76
CA THR F 161 -22.82 -23.26 8.63
C THR F 161 -23.23 -24.48 7.77
N LEU F 162 -22.69 -25.64 8.11
CA LEU F 162 -23.01 -26.87 7.36
C LEU F 162 -23.18 -28.09 8.27
N THR F 163 -24.30 -28.81 8.09
CA THR F 163 -24.46 -30.11 8.70
C THR F 163 -24.83 -31.16 7.64
N TRP F 164 -24.80 -32.43 8.05
CA TRP F 164 -25.21 -33.56 7.21
C TRP F 164 -26.41 -34.28 7.84
N ASN F 165 -27.44 -34.54 7.05
CA ASN F 165 -28.69 -35.12 7.58
C ASN F 165 -29.15 -34.44 8.89
N SER F 166 -29.17 -33.10 8.89
CA SER F 166 -29.69 -32.27 9.99
C SER F 166 -28.92 -32.52 11.28
N GLY F 167 -27.63 -32.84 11.14
CA GLY F 167 -26.77 -33.06 12.29
C GLY F 167 -26.72 -34.46 12.85
N SER F 168 -27.52 -35.36 12.28
CA SER F 168 -27.50 -36.75 12.75
C SER F 168 -26.38 -37.58 12.09
N LEU F 169 -25.75 -37.03 11.07
CA LEU F 169 -24.47 -37.60 10.61
C LEU F 169 -23.34 -36.68 11.07
N SER F 170 -22.71 -37.04 12.19
CA SER F 170 -21.67 -36.20 12.74
C SER F 170 -20.26 -36.84 12.78
N SER F 171 -20.19 -38.16 12.92
CA SER F 171 -18.93 -38.89 12.78
C SER F 171 -18.59 -38.98 11.31
N GLY F 172 -17.29 -39.05 11.01
CA GLY F 172 -16.81 -39.18 9.65
C GLY F 172 -16.83 -37.91 8.82
N VAL F 173 -17.06 -36.77 9.48
CA VAL F 173 -17.24 -35.51 8.76
C VAL F 173 -15.97 -34.65 8.83
N HIS F 174 -15.56 -34.08 7.68
CA HIS F 174 -14.56 -32.98 7.67
C HIS F 174 -15.10 -31.72 6.98
N THR F 175 -15.30 -30.66 7.75
CA THR F 175 -15.78 -29.42 7.22
C THR F 175 -14.59 -28.46 7.24
N PHE F 176 -14.16 -27.97 6.08
CA PHE F 176 -12.89 -27.25 6.02
C PHE F 176 -13.08 -25.74 6.17
N PRO F 177 -12.14 -25.03 6.83
CA PRO F 177 -12.25 -23.58 6.96
C PRO F 177 -12.41 -22.93 5.59
N ALA F 178 -13.10 -21.79 5.55
CA ALA F 178 -13.38 -21.09 4.31
C ALA F 178 -12.11 -20.37 3.87
N VAL F 179 -11.85 -20.33 2.57
CA VAL F 179 -10.85 -19.39 2.08
C VAL F 179 -11.38 -18.32 1.08
N LEU F 180 -10.89 -17.10 1.27
CA LEU F 180 -11.24 -15.96 0.43
C LEU F 180 -10.29 -15.99 -0.77
N GLN F 181 -10.83 -16.12 -1.98
CA GLN F 181 -9.95 -16.30 -3.13
C GLN F 181 -9.80 -15.00 -3.89
N SER F 182 -10.83 -14.61 -4.63
CA SER F 182 -10.79 -13.26 -5.19
C SER F 182 -12.13 -12.61 -4.94
N ASP F 183 -12.20 -12.05 -3.72
CA ASP F 183 -13.39 -11.39 -3.16
C ASP F 183 -14.58 -12.27 -2.77
N LEU F 184 -14.52 -13.58 -3.06
CA LEU F 184 -15.55 -14.51 -2.58
C LEU F 184 -14.97 -15.70 -1.83
N TYR F 185 -15.82 -16.33 -1.01
CA TYR F 185 -15.45 -17.48 -0.20
C TYR F 185 -15.86 -18.84 -0.79
N THR F 186 -15.08 -19.86 -0.46
CA THR F 186 -15.33 -21.24 -0.85
C THR F 186 -15.06 -22.05 0.37
N LEU F 187 -15.97 -22.97 0.63
CA LEU F 187 -15.77 -23.93 1.70
C LEU F 187 -16.23 -25.29 1.22
N SER F 188 -15.63 -26.35 1.74
CA SER F 188 -16.08 -27.68 1.40
C SER F 188 -16.23 -28.54 2.64
N SER F 189 -16.98 -29.63 2.49
CA SER F 189 -17.09 -30.62 3.55
C SER F 189 -17.18 -32.00 2.93
N SER F 190 -16.55 -33.01 3.53
CA SER F 190 -16.71 -34.40 3.12
C SER F 190 -17.34 -35.16 4.26
N VAL F 191 -18.06 -36.24 3.93
CA VAL F 191 -18.58 -37.17 4.91
C VAL F 191 -18.26 -38.59 4.42
N THR F 192 -17.84 -39.47 5.32
CA THR F 192 -17.45 -40.83 4.94
C THR F 192 -18.38 -41.83 5.62
N VAL F 193 -18.89 -42.80 4.87
CA VAL F 193 -19.82 -43.83 5.41
C VAL F 193 -19.48 -45.20 4.83
N THR F 194 -19.91 -46.27 5.50
CA THR F 194 -19.79 -47.63 4.95
C THR F 194 -20.47 -47.65 3.59
N SER F 195 -20.01 -48.53 2.70
CA SER F 195 -20.56 -48.57 1.35
C SER F 195 -21.96 -49.20 1.28
N SER F 196 -22.35 -49.93 2.32
CA SER F 196 -23.72 -50.43 2.34
C SER F 196 -24.72 -49.33 2.73
N THR F 197 -24.23 -48.19 3.22
CA THR F 197 -25.07 -47.07 3.68
C THR F 197 -25.75 -46.31 2.52
N TRP F 198 -24.91 -45.74 1.66
CA TRP F 198 -25.38 -44.89 0.57
C TRP F 198 -25.17 -45.64 -0.75
N PRO F 199 -26.08 -45.55 -1.70
CA PRO F 199 -27.18 -44.59 -1.72
C PRO F 199 -28.53 -45.14 -1.25
N SER F 200 -28.53 -46.31 -0.60
CA SER F 200 -29.74 -46.83 0.00
C SER F 200 -30.39 -45.81 0.93
N GLN F 201 -29.59 -45.16 1.78
CA GLN F 201 -30.07 -44.05 2.60
C GLN F 201 -29.65 -42.78 1.93
N SER F 202 -30.54 -41.80 1.89
CA SER F 202 -30.16 -40.49 1.37
C SER F 202 -29.14 -39.79 2.27
N ILE F 203 -28.27 -39.02 1.63
CA ILE F 203 -27.38 -38.13 2.36
C ILE F 203 -27.53 -36.71 1.78
N THR F 204 -27.76 -35.74 2.66
CA THR F 204 -28.05 -34.36 2.31
C THR F 204 -27.17 -33.41 3.11
N CYS F 205 -26.60 -32.40 2.47
CA CYS F 205 -25.89 -31.39 3.27
C CYS F 205 -26.78 -30.15 3.48
N ASN F 206 -26.83 -29.65 4.71
CA ASN F 206 -27.66 -28.49 5.04
C ASN F 206 -26.78 -27.26 5.25
N VAL F 207 -27.03 -26.20 4.47
CA VAL F 207 -26.11 -25.04 4.39
C VAL F 207 -26.86 -23.78 4.79
N ALA F 208 -26.30 -23.05 5.75
CA ALA F 208 -26.83 -21.75 6.19
C ALA F 208 -25.85 -20.60 5.98
N HIS F 209 -26.39 -19.47 5.50
CA HIS F 209 -25.63 -18.25 5.28
C HIS F 209 -26.53 -17.16 5.80
N PRO F 210 -26.44 -16.89 7.11
CA PRO F 210 -27.32 -15.91 7.77
C PRO F 210 -27.36 -14.55 7.13
N ALA F 211 -26.27 -14.13 6.48
CA ALA F 211 -26.25 -12.77 5.93
C ALA F 211 -27.20 -12.54 4.77
N SER F 212 -27.49 -13.60 4.01
CA SER F 212 -28.40 -13.53 2.87
C SER F 212 -29.71 -14.24 3.21
N SER F 213 -29.84 -14.62 4.49
CA SER F 213 -30.95 -15.44 4.98
C SER F 213 -31.16 -16.71 4.13
N THR F 214 -30.06 -17.38 3.79
CA THR F 214 -30.11 -18.57 2.98
C THR F 214 -30.10 -19.80 3.89
N LYS F 215 -31.02 -20.71 3.61
CA LYS F 215 -31.05 -21.98 4.26
C LYS F 215 -31.42 -23.00 3.18
N VAL F 216 -30.48 -23.83 2.76
CA VAL F 216 -30.80 -24.79 1.69
C VAL F 216 -30.37 -26.21 2.01
N ASP F 217 -31.08 -27.18 1.43
CA ASP F 217 -30.70 -28.59 1.56
C ASP F 217 -30.39 -29.14 0.18
N LYS F 218 -29.27 -29.83 0.05
CA LYS F 218 -28.84 -30.39 -1.23
C LYS F 218 -28.62 -31.89 -1.06
N LYS F 219 -29.46 -32.68 -1.71
CA LYS F 219 -29.37 -34.12 -1.67
C LYS F 219 -28.32 -34.61 -2.65
N ILE F 220 -27.48 -35.56 -2.23
CA ILE F 220 -26.41 -36.12 -3.05
C ILE F 220 -26.86 -37.45 -3.68
N GLU F 221 -27.11 -37.41 -4.97
CA GLU F 221 -27.56 -38.59 -5.68
C GLU F 221 -26.39 -39.27 -6.39
N PRO F 222 -26.47 -40.60 -6.56
CA PRO F 222 -25.35 -41.35 -7.15
C PRO F 222 -25.20 -41.07 -8.66
N ARG F 223 -24.02 -41.34 -9.22
CA ARG F 223 -23.88 -41.27 -10.69
C ARG F 223 -22.94 -42.13 -11.55
N GLY F 224 -22.47 -43.34 -11.23
CA GLY F 224 -23.28 -44.52 -11.02
C GLY F 224 -22.95 -45.64 -10.09
N PRO F 225 -22.46 -46.79 -10.60
CA PRO F 225 -22.39 -48.04 -9.82
C PRO F 225 -21.72 -47.87 -8.48
N HIS G 1 21.88 51.83 22.73
CA HIS G 1 22.24 50.43 22.28
C HIS G 1 22.43 50.22 20.77
N PHE G 2 22.98 49.04 20.40
CA PHE G 2 23.40 48.68 19.05
C PHE G 2 22.56 47.53 18.44
N VAL G 3 22.25 47.64 17.15
CA VAL G 3 21.65 46.56 16.35
C VAL G 3 22.72 46.13 15.35
N GLN G 4 23.06 44.84 15.40
CA GLN G 4 24.04 44.25 14.52
C GLN G 4 23.46 42.95 13.95
N GLN G 5 23.09 43.00 12.68
CA GLN G 5 22.36 41.88 12.08
C GLN G 5 23.21 40.73 11.57
N THR G 6 24.48 40.99 11.24
CA THR G 6 25.45 39.92 10.92
C THR G 6 26.85 40.17 11.57
N PRO G 7 27.66 39.12 11.70
CA PRO G 7 29.01 39.25 12.27
C PRO G 7 29.96 40.29 11.61
N LYS G 8 29.77 40.58 10.32
CA LYS G 8 30.66 41.52 9.62
C LYS G 8 30.01 42.85 9.32
N SER G 9 28.73 43.00 9.63
CA SER G 9 28.08 44.29 9.52
C SER G 9 28.49 45.20 10.67
N GLN G 10 28.52 46.50 10.38
CA GLN G 10 28.71 47.55 11.35
C GLN G 10 27.47 47.69 12.22
N PRO G 11 27.66 47.77 13.53
CA PRO G 11 26.55 48.03 14.44
C PRO G 11 25.92 49.40 14.13
N THR G 12 24.60 49.49 14.19
CA THR G 12 23.88 50.73 14.12
C THR G 12 23.44 51.10 15.53
N LEU G 13 23.63 52.34 15.94
CA LEU G 13 23.08 52.70 17.25
C LEU G 13 21.72 53.37 17.17
N HIS H 1 2.93 13.63 42.26
CA HIS H 1 2.57 12.35 41.58
C HIS H 1 3.16 12.26 40.20
N PHE H 2 3.71 11.10 39.89
CA PHE H 2 4.38 10.83 38.64
C PHE H 2 3.63 9.76 37.88
N VAL H 3 3.34 9.99 36.61
CA VAL H 3 2.76 8.91 35.79
C VAL H 3 3.80 8.44 34.79
N GLN H 4 4.15 7.16 34.86
CA GLN H 4 5.15 6.56 33.98
C GLN H 4 4.63 5.21 33.47
N GLN H 5 4.15 5.21 32.23
CA GLN H 5 3.44 4.07 31.67
C GLN H 5 4.33 2.98 31.08
N THR H 6 5.60 3.30 30.82
CA THR H 6 6.56 2.27 30.42
C THR H 6 7.90 2.51 31.07
N PRO H 7 8.68 1.44 31.22
CA PRO H 7 10.05 1.51 31.75
C PRO H 7 10.95 2.58 31.13
N LYS H 8 10.71 2.94 29.86
CA LYS H 8 11.51 3.96 29.18
C LYS H 8 10.76 5.26 28.90
N SER H 9 9.54 5.34 29.39
CA SER H 9 8.86 6.63 29.45
C SER H 9 9.52 7.45 30.53
N GLN H 10 9.56 8.76 30.31
CA GLN H 10 9.97 9.71 31.32
C GLN H 10 8.78 10.03 32.24
N PRO H 11 9.02 10.06 33.57
CA PRO H 11 8.00 10.42 34.56
C PRO H 11 7.37 11.80 34.37
N THR H 12 6.04 11.85 34.43
CA THR H 12 5.23 13.00 34.06
C THR H 12 4.42 13.43 35.26
N LEU H 13 4.52 14.70 35.65
CA LEU H 13 3.71 15.23 36.75
C LEU H 13 2.17 15.34 36.49
#